data_3BNT
# 
_entry.id   3BNT 
# 
_audit_conform.dict_name       mmcif_pdbx.dic 
_audit_conform.dict_version    5.387 
_audit_conform.dict_location   http://mmcif.pdb.org/dictionaries/ascii/mmcif_pdbx.dic 
# 
loop_
_database_2.database_id 
_database_2.database_code 
_database_2.pdbx_database_accession 
_database_2.pdbx_DOI 
PDB   3BNT         pdb_00003bnt 10.2210/pdb3bnt/pdb 
NDB   AR0092       ?            ?                   
RCSB  RCSB045745   ?            ?                   
WWPDB D_1000045745 ?            ?                   
# 
loop_
_pdbx_audit_revision_history.ordinal 
_pdbx_audit_revision_history.data_content_type 
_pdbx_audit_revision_history.major_revision 
_pdbx_audit_revision_history.minor_revision 
_pdbx_audit_revision_history.revision_date 
1 'Structure model' 1 0 2008-06-24 
2 'Structure model' 1 1 2011-07-13 
3 'Structure model' 1 2 2017-09-27 
4 'Structure model' 2 0 2024-02-21 
# 
_pdbx_audit_revision_details.ordinal             1 
_pdbx_audit_revision_details.revision_ordinal    1 
_pdbx_audit_revision_details.data_content_type   'Structure model' 
_pdbx_audit_revision_details.provider            repository 
_pdbx_audit_revision_details.type                'Initial release' 
_pdbx_audit_revision_details.description         ? 
_pdbx_audit_revision_details.details             ? 
# 
loop_
_pdbx_audit_revision_group.ordinal 
_pdbx_audit_revision_group.revision_ordinal 
_pdbx_audit_revision_group.data_content_type 
_pdbx_audit_revision_group.group 
1 2 'Structure model' 'Version format compliance' 
2 3 'Structure model' 'Data collection'           
3 4 'Structure model' 'Atomic model'              
4 4 'Structure model' 'Data collection'           
5 4 'Structure model' 'Database references'       
6 4 'Structure model' 'Derived calculations'      
# 
loop_
_pdbx_audit_revision_category.ordinal 
_pdbx_audit_revision_category.revision_ordinal 
_pdbx_audit_revision_category.data_content_type 
_pdbx_audit_revision_category.category 
1 3 'Structure model' pdbx_diffrn_reflns_shell 
2 4 'Structure model' atom_site                
3 4 'Structure model' chem_comp_atom           
4 4 'Structure model' chem_comp_bond           
5 4 'Structure model' database_2               
6 4 'Structure model' struct_conn              
7 4 'Structure model' struct_conn_type         
8 4 'Structure model' struct_site              
# 
loop_
_pdbx_audit_revision_item.ordinal 
_pdbx_audit_revision_item.revision_ordinal 
_pdbx_audit_revision_item.data_content_type 
_pdbx_audit_revision_item.item 
1  3 'Structure model' '_pdbx_diffrn_reflns_shell.percent_possible_obs' 
2  4 'Structure model' '_atom_site.occupancy'                           
3  4 'Structure model' '_database_2.pdbx_DOI'                           
4  4 'Structure model' '_database_2.pdbx_database_accession'            
5  4 'Structure model' '_struct_conn.conn_type_id'                      
6  4 'Structure model' '_struct_conn.id'                                
7  4 'Structure model' '_struct_conn.pdbx_dist_value'                   
8  4 'Structure model' '_struct_conn.pdbx_leaving_atom_flag'            
9  4 'Structure model' '_struct_conn.ptnr1_auth_comp_id'                
10 4 'Structure model' '_struct_conn.ptnr1_auth_seq_id'                 
11 4 'Structure model' '_struct_conn.ptnr1_label_atom_id'               
12 4 'Structure model' '_struct_conn.ptnr1_label_comp_id'               
13 4 'Structure model' '_struct_conn.ptnr1_label_seq_id'                
14 4 'Structure model' '_struct_conn.ptnr2_auth_comp_id'                
15 4 'Structure model' '_struct_conn.ptnr2_auth_seq_id'                 
16 4 'Structure model' '_struct_conn.ptnr2_label_asym_id'               
17 4 'Structure model' '_struct_conn.ptnr2_label_atom_id'               
18 4 'Structure model' '_struct_conn.ptnr2_label_comp_id'               
19 4 'Structure model' '_struct_conn.ptnr2_label_seq_id'                
20 4 'Structure model' '_struct_conn_type.id'                           
21 4 'Structure model' '_struct_site.pdbx_auth_asym_id'                 
22 4 'Structure model' '_struct_site.pdbx_auth_comp_id'                 
23 4 'Structure model' '_struct_site.pdbx_auth_seq_id'                  
# 
_pdbx_database_status.entry_id                        3BNT 
_pdbx_database_status.status_code                     REL 
_pdbx_database_status.status_code_sf                  REL 
_pdbx_database_status.deposit_site                    RCSB 
_pdbx_database_status.process_site                    RCSB 
_pdbx_database_status.recvd_initial_deposition_date   2007-12-14 
_pdbx_database_status.SG_entry                        N 
_pdbx_database_status.status_code_mr                  ? 
_pdbx_database_status.pdb_format_compatible           Y 
_pdbx_database_status.status_code_cs                  ? 
_pdbx_database_status.methods_development_category    ? 
_pdbx_database_status.status_code_nmr_data            ? 
# 
loop_
_pdbx_database_related.db_name 
_pdbx_database_related.db_id 
_pdbx_database_related.details 
_pdbx_database_related.content_type 
PDB 3BNL . unspecified 
PDB 3BNN . unspecified 
PDB 3BNO . unspecified 
PDB 3BNP . unspecified 
PDB 3BNQ . unspecified 
PDB 3BNR . unspecified 
PDB 3BNS . unspecified 
# 
loop_
_audit_author.name 
_audit_author.pdbx_ordinal 
'Kondo, J.'   1 
'Westhof, E.' 2 
# 
_citation.id                        primary 
_citation.title                     
'The bacterial and mitochondrial ribosomal A-site molecular switches possess different conformational substates' 
_citation.journal_abbrev            'Nucleic Acids Res.' 
_citation.journal_volume            36 
_citation.page_first                2654 
_citation.page_last                 2666 
_citation.year                      2008 
_citation.journal_id_ASTM           NARHAD 
_citation.country                   UK 
_citation.journal_id_ISSN           0305-1048 
_citation.journal_id_CSD            0389 
_citation.book_publisher            ? 
_citation.pdbx_database_id_PubMed   18346970 
_citation.pdbx_database_id_DOI      10.1093/nar/gkn112 
# 
loop_
_citation_author.citation_id 
_citation_author.name 
_citation_author.ordinal 
_citation_author.identifier_ORCID 
primary 'Kondo, J.'   1 ? 
primary 'Westhof, E.' 2 ? 
# 
loop_
_entity.id 
_entity.type 
_entity.src_method 
_entity.pdbx_description 
_entity.formula_weight 
_entity.pdbx_number_of_molecules 
_entity.pdbx_ec 
_entity.pdbx_mutation 
_entity.pdbx_fragment 
_entity.details 
1 polymer     syn 'A site of human mitochondrial ribosome' 7087.131 1  ? A1555G ? ? 
2 non-polymer syn 'SODIUM ION'                             22.990   1  ? ?      ? ? 
3 non-polymer syn 'COBALT HEXAMMINE(III)'                  161.116  1  ? ?      ? ? 
4 water       nat water                                    18.015   54 ? ?      ? ? 
# 
_entity_poly.entity_id                      1 
_entity_poly.type                           polyribonucleotide 
_entity_poly.nstd_linkage                   no 
_entity_poly.nstd_monomer                   yes 
_entity_poly.pdbx_seq_one_letter_code       'CGCGUCACC(5BU)CGAGCAAGUCGC' 
_entity_poly.pdbx_seq_one_letter_code_can   CGCGUCACCUCGAGCAAGUCGC 
_entity_poly.pdbx_strand_id                 A 
_entity_poly.pdbx_target_identifier         ? 
# 
loop_
_pdbx_entity_nonpoly.entity_id 
_pdbx_entity_nonpoly.name 
_pdbx_entity_nonpoly.comp_id 
2 'SODIUM ION'            NA  
3 'COBALT HEXAMMINE(III)' NCO 
4 water                   HOH 
# 
loop_
_entity_poly_seq.entity_id 
_entity_poly_seq.num 
_entity_poly_seq.mon_id 
_entity_poly_seq.hetero 
1 1  C   n 
1 2  G   n 
1 3  C   n 
1 4  G   n 
1 5  U   n 
1 6  C   n 
1 7  A   n 
1 8  C   n 
1 9  C   n 
1 10 5BU n 
1 11 C   n 
1 12 G   n 
1 13 A   n 
1 14 G   n 
1 15 C   n 
1 16 A   n 
1 17 A   n 
1 18 G   n 
1 19 U   n 
1 20 C   n 
1 21 G   n 
1 22 C   n 
# 
loop_
_chem_comp.id 
_chem_comp.type 
_chem_comp.mon_nstd_flag 
_chem_comp.name 
_chem_comp.pdbx_synonyms 
_chem_comp.formula 
_chem_comp.formula_weight 
5BU 'RNA linking' n "5-BROMO-URIDINE-5'-MONOPHOSPHATE" ? 'C9 H12 Br N2 O9 P' 403.077 
A   'RNA linking' y "ADENOSINE-5'-MONOPHOSPHATE"       ? 'C10 H14 N5 O7 P'   347.221 
C   'RNA linking' y "CYTIDINE-5'-MONOPHOSPHATE"        ? 'C9 H14 N3 O8 P'    323.197 
G   'RNA linking' y "GUANOSINE-5'-MONOPHOSPHATE"       ? 'C10 H14 N5 O8 P'   363.221 
HOH non-polymer   . WATER                              ? 'H2 O'              18.015  
NA  non-polymer   . 'SODIUM ION'                       ? 'Na 1'              22.990  
NCO non-polymer   . 'COBALT HEXAMMINE(III)'            ? 'Co H18 N6 3'       161.116 
U   'RNA linking' y "URIDINE-5'-MONOPHOSPHATE"         ? 'C9 H13 N2 O9 P'    324.181 
# 
loop_
_pdbx_poly_seq_scheme.asym_id 
_pdbx_poly_seq_scheme.entity_id 
_pdbx_poly_seq_scheme.seq_id 
_pdbx_poly_seq_scheme.mon_id 
_pdbx_poly_seq_scheme.ndb_seq_num 
_pdbx_poly_seq_scheme.pdb_seq_num 
_pdbx_poly_seq_scheme.auth_seq_num 
_pdbx_poly_seq_scheme.pdb_mon_id 
_pdbx_poly_seq_scheme.auth_mon_id 
_pdbx_poly_seq_scheme.pdb_strand_id 
_pdbx_poly_seq_scheme.pdb_ins_code 
_pdbx_poly_seq_scheme.hetero 
A 1 1  C   1  1  1  C   C   A . n 
A 1 2  G   2  2  2  G   G   A . n 
A 1 3  C   3  3  3  C   C   A . n 
A 1 4  G   4  4  4  G   G   A . n 
A 1 5  U   5  5  5  U   U   A . n 
A 1 6  C   6  6  6  C   C   A . n 
A 1 7  A   7  7  7  A   A   A . n 
A 1 8  C   8  8  8  C   C   A . n 
A 1 9  C   9  9  9  C   C   A . n 
A 1 10 5BU 10 10 10 5BU 5BU A . n 
A 1 11 C   11 11 11 C   C   A . n 
A 1 12 G   12 12 12 G   G   A . n 
A 1 13 A   13 13 13 A   A   A . n 
A 1 14 G   14 14 14 G   G   A . n 
A 1 15 C   15 15 15 C   C   A . n 
A 1 16 A   16 16 16 A   A   A . n 
A 1 17 A   17 17 17 A   A   A . n 
A 1 18 G   18 18 18 G   G   A . n 
A 1 19 U   19 19 19 U   U   A . n 
A 1 20 C   20 20 20 C   C   A . n 
A 1 21 G   21 21 21 G   G   A . n 
A 1 22 C   22 22 22 C   C   A . n 
# 
loop_
_pdbx_nonpoly_scheme.asym_id 
_pdbx_nonpoly_scheme.entity_id 
_pdbx_nonpoly_scheme.mon_id 
_pdbx_nonpoly_scheme.ndb_seq_num 
_pdbx_nonpoly_scheme.pdb_seq_num 
_pdbx_nonpoly_scheme.auth_seq_num 
_pdbx_nonpoly_scheme.pdb_mon_id 
_pdbx_nonpoly_scheme.auth_mon_id 
_pdbx_nonpoly_scheme.pdb_strand_id 
_pdbx_nonpoly_scheme.pdb_ins_code 
B 2 NA  1  23 1  NA  NA  A . 
C 3 NCO 1  24 1  NCO NCO A . 
D 4 HOH 1  25 1  HOH HOH A . 
D 4 HOH 2  26 2  HOH HOH A . 
D 4 HOH 3  27 3  HOH HOH A . 
D 4 HOH 4  28 4  HOH HOH A . 
D 4 HOH 5  29 5  HOH HOH A . 
D 4 HOH 6  30 6  HOH HOH A . 
D 4 HOH 7  31 7  HOH HOH A . 
D 4 HOH 8  32 8  HOH HOH A . 
D 4 HOH 9  33 9  HOH HOH A . 
D 4 HOH 10 34 10 HOH HOH A . 
D 4 HOH 11 35 11 HOH HOH A . 
D 4 HOH 12 36 12 HOH HOH A . 
D 4 HOH 13 37 13 HOH HOH A . 
D 4 HOH 14 38 14 HOH HOH A . 
D 4 HOH 15 39 15 HOH HOH A . 
D 4 HOH 16 40 16 HOH HOH A . 
D 4 HOH 17 41 17 HOH HOH A . 
D 4 HOH 18 42 18 HOH HOH A . 
D 4 HOH 19 43 19 HOH HOH A . 
D 4 HOH 20 44 20 HOH HOH A . 
D 4 HOH 21 45 21 HOH HOH A . 
D 4 HOH 22 46 22 HOH HOH A . 
D 4 HOH 23 47 23 HOH HOH A . 
D 4 HOH 24 48 24 HOH HOH A . 
D 4 HOH 25 49 25 HOH HOH A . 
D 4 HOH 26 50 26 HOH HOH A . 
D 4 HOH 27 51 27 HOH HOH A . 
D 4 HOH 28 52 28 HOH HOH A . 
D 4 HOH 29 53 29 HOH HOH A . 
D 4 HOH 30 54 30 HOH HOH A . 
D 4 HOH 31 55 31 HOH HOH A . 
D 4 HOH 32 56 32 HOH HOH A . 
D 4 HOH 33 57 33 HOH HOH A . 
D 4 HOH 34 58 34 HOH HOH A . 
D 4 HOH 35 59 35 HOH HOH A . 
D 4 HOH 36 60 36 HOH HOH A . 
D 4 HOH 37 61 37 HOH HOH A . 
D 4 HOH 38 62 38 HOH HOH A . 
D 4 HOH 39 63 39 HOH HOH A . 
D 4 HOH 40 64 40 HOH HOH A . 
D 4 HOH 41 65 41 HOH HOH A . 
D 4 HOH 42 66 42 HOH HOH A . 
D 4 HOH 43 67 43 HOH HOH A . 
D 4 HOH 44 68 44 HOH HOH A . 
D 4 HOH 45 69 45 HOH HOH A . 
D 4 HOH 46 70 46 HOH HOH A . 
D 4 HOH 47 71 47 HOH HOH A . 
D 4 HOH 48 72 48 HOH HOH A . 
D 4 HOH 49 73 49 HOH HOH A . 
D 4 HOH 50 74 50 HOH HOH A . 
D 4 HOH 51 75 51 HOH HOH A . 
D 4 HOH 52 76 52 HOH HOH A . 
D 4 HOH 53 77 53 HOH HOH A . 
D 4 HOH 54 78 54 HOH HOH A . 
# 
loop_
_software.name 
_software.version 
_software.date 
_software.type 
_software.contact_author 
_software.contact_author_email 
_software.classification 
_software.location 
_software.language 
_software.citation_id 
_software.pdbx_ordinal 
SCALA       .     ?                    other   'Phil Evans'      pre@mrc-lmb.cam.ac.uk    'data processing' 
http://www.ccp4.ac.uk/dist/html/INDEX.html Fortran_77 ? 1 
SOLVE       2.12  14-Oct-2006          package 'Tom Terwilliger' terwilliger@LANL.gov     phasing           
http://www.solve.lanl.gov/                 ?          ? 2 
CNS         .     ?                    package 'Axel T. Brunger' axel.brunger@yale.edu    refinement        
http://cns.csb.yale.edu/v1.1/              Fortran_77 ? 3 
PDB_EXTRACT 3.004 'September 10, 2007' package PDB               sw-help@rcsb.rutgers.edu 'data extraction' 
http://pdb.rutgers.edu/software/           C++        ? 4 
SCALA       .     ?                    ?       ?                 ?                        'data scaling'    ? ?          ? 5 
# 
_cell.length_a           74.865 
_cell.length_b           74.865 
_cell.length_c           22.537 
_cell.angle_alpha        90.000 
_cell.angle_beta         90.000 
_cell.angle_gamma        120.000 
_cell.entry_id           3BNT 
_cell.Z_PDB              6 
_cell.pdbx_unique_axis   ? 
_cell.length_a_esd       ? 
_cell.length_b_esd       ? 
_cell.length_c_esd       ? 
_cell.angle_alpha_esd    ? 
_cell.angle_beta_esd     ? 
_cell.angle_gamma_esd    ? 
# 
_symmetry.space_group_name_H-M             'P 64' 
_symmetry.entry_id                         3BNT 
_symmetry.pdbx_full_space_group_name_H-M   ? 
_symmetry.Int_Tables_number                172 
_symmetry.cell_setting                     ? 
_symmetry.space_group_name_Hall            ? 
# 
_exptl.crystals_number   1 
_exptl.entry_id          3BNT 
_exptl.method            'X-RAY DIFFRACTION' 
# 
_exptl_crystal.id                    1 
_exptl_crystal.density_meas          ? 
_exptl_crystal.density_Matthews      2.57 
_exptl_crystal.density_percent_sol   52.19 
_exptl_crystal.description           ? 
_exptl_crystal.F_000                 ? 
_exptl_crystal.preparation           ? 
# 
_exptl_crystal_grow.crystal_id      1 
_exptl_crystal_grow.method          'VAPOR DIFFUSION, HANGING DROP' 
_exptl_crystal_grow.pH              7.0 
_exptl_crystal_grow.temp            293 
_exptl_crystal_grow.pdbx_details    
;Sodium cacodylate, KCl, spermine tetrachloride, paromomycin, 2-methyl-2,4-pentanediol, hexammine cobalt chloride, pH 7.0, VAPOR DIFFUSION, HANGING DROP, temperature 293K
;
_exptl_crystal_grow.temp_details    ? 
_exptl_crystal_grow.pdbx_pH_range   . 
# 
loop_
_exptl_crystal_grow_comp.crystal_id 
_exptl_crystal_grow_comp.id 
_exptl_crystal_grow_comp.sol_id 
_exptl_crystal_grow_comp.name 
_exptl_crystal_grow_comp.conc 
_exptl_crystal_grow_comp.volume 
_exptl_crystal_grow_comp.details 
1 1 1 MPD                 ? ? ? 
1 2 1 KCl                 ? ? ? 
1 3 1 'Sodium cacodylate' ? ? ? 
1 4 1 '[Co(NH3)6]Cl3'     ? ? ? 
1 5 2 MPD                 ? ? ? 
1 6 2 KCl                 ? ? ? 
# 
_diffrn.id                     1 
_diffrn.ambient_temp           100 
_diffrn.ambient_temp_details   ? 
_diffrn.crystal_id             1 
# 
_diffrn_detector.diffrn_id              1 
_diffrn_detector.detector               CCD 
_diffrn_detector.type                   'ADSC QUANTUM 315' 
_diffrn_detector.pdbx_collection_date   2007-02-25 
_diffrn_detector.details                ? 
# 
_diffrn_radiation.diffrn_id                        1 
_diffrn_radiation.pdbx_diffrn_protocol             MAD 
_diffrn_radiation.monochromator                    ? 
_diffrn_radiation.wavelength_id                    1 
_diffrn_radiation.pdbx_monochromatic_or_laue_m_l   M 
_diffrn_radiation.pdbx_scattering_type             x-ray 
# 
loop_
_diffrn_radiation_wavelength.id 
_diffrn_radiation_wavelength.wavelength 
_diffrn_radiation_wavelength.wt 
1 0.91950 1.0 
2 0.91984 1.0 
3 0.91637 1.0 
# 
_diffrn_source.diffrn_id                   1 
_diffrn_source.source                      SYNCHROTRON 
_diffrn_source.type                        'ESRF BEAMLINE BM30A' 
_diffrn_source.pdbx_wavelength_list        '0.91950, 0.91984, 0.91637' 
_diffrn_source.pdbx_wavelength             ? 
_diffrn_source.pdbx_synchrotron_site       ESRF 
_diffrn_source.pdbx_synchrotron_beamline   BM30A 
# 
_reflns.entry_id                     3BNT 
_reflns.d_resolution_high            2.300 
_reflns.d_resolution_low             37.432 
_reflns.number_obs                   3374 
_reflns.pdbx_Rmerge_I_obs            0.072 
_reflns.pdbx_netI_over_sigmaI        5.900 
_reflns.pdbx_Rsym_value              0.072 
_reflns.pdbx_redundancy              9.900 
_reflns.percent_possible_obs         99.900 
_reflns.observed_criterion_sigma_F   ? 
_reflns.observed_criterion_sigma_I   ? 
_reflns.number_all                   ? 
_reflns.B_iso_Wilson_estimate        ? 
_reflns.R_free_details               ? 
_reflns.pdbx_chi_squared             ? 
_reflns.pdbx_scaling_rejects         ? 
_reflns.pdbx_diffrn_id               1 
_reflns.pdbx_ordinal                 1 
_reflns.pdbx_CC_half                 ? 
_reflns.pdbx_Rpim_I_all              ? 
_reflns.pdbx_Rrim_I_all              ? 
# 
loop_
_reflns_shell.d_res_high 
_reflns_shell.d_res_low 
_reflns_shell.number_measured_obs 
_reflns_shell.number_measured_all 
_reflns_shell.number_unique_obs 
_reflns_shell.Rmerge_I_obs 
_reflns_shell.meanI_over_sigI_obs 
_reflns_shell.pdbx_Rsym_value 
_reflns_shell.pdbx_chi_squared 
_reflns_shell.pdbx_redundancy 
_reflns_shell.percent_possible_obs 
_reflns_shell.number_unique_all 
_reflns_shell.percent_possible_all 
_reflns_shell.pdbx_diffrn_id 
_reflns_shell.pdbx_ordinal 
_reflns_shell.pdbx_CC_half 
_reflns_shell.pdbx_Rpim_I_all 
_reflns_shell.pdbx_Rrim_I_all 
2.30 2.42  ? 4921 ? 0.263 2.4 0.263 ? 10.50 ? 470 100.00 ? 1  ? ? ? 
2.42 2.57  ? 4794 ? 0.181 3.5 0.181 ? 10.40 ? 463 100.00 ? 2  ? ? ? 
2.57 2.75  ? 4393 ? 0.116 4.8 0.116 ? 10.20 ? 431 100.00 ? 3  ? ? ? 
2.75 2.97  ? 4033 ? 0.085 6.5 0.085 ? 10.00 ? 404 100.00 ? 4  ? ? ? 
2.97 3.25  ? 3789 ? 0.070 6.0 0.070 ? 9.90  ? 382 100.00 ? 5  ? ? ? 
3.25 3.64  ? 3269 ? 0.065 7.8 0.065 ? 9.90  ? 331 100.00 ? 6  ? ? ? 
3.64 4.20  ? 2931 ? 0.072 7.7 0.072 ? 9.70  ? 302 100.00 ? 7  ? ? ? 
4.20 5.14  ? 2442 ? 0.059 8.5 0.059 ? 9.40  ? 261 100.00 ? 8  ? ? ? 
5.14 7.27  ? 1897 ? 0.047 9.6 0.047 ? 9.00  ? 210 100.00 ? 9  ? ? ? 
7.27 37.43 ? 996  ? 0.052 9.3 0.052 ? 8.30  ? 120 97.20  ? 10 ? ? ? 
# 
_refine.entry_id                                 3BNT 
_refine.ls_d_res_high                            2.300 
_refine.ls_d_res_low                             37.432 
_refine.pdbx_ls_sigma_F                          0.00 
_refine.ls_percent_reflns_obs                    99.900 
_refine.ls_number_reflns_obs                     3368 
_refine.ls_R_factor_R_work                       0.217 
_refine.ls_R_factor_R_free                       0.255 
_refine.ls_percent_reflns_R_free                 9.900 
_refine.ls_number_reflns_R_free                  335 
_refine.B_iso_mean                               34.779 
_refine.solvent_model_param_bsol                 43.732 
_refine.aniso_B[1][1]                            -0.608 
_refine.aniso_B[2][2]                            -0.608 
_refine.aniso_B[3][3]                            1.215 
_refine.aniso_B[1][2]                            -1.671 
_refine.aniso_B[1][3]                            0.000 
_refine.aniso_B[2][3]                            0.000 
_refine.pdbx_method_to_determine_struct          MAD 
_refine.overall_FOM_work_R_set                   0.768 
_refine.pdbx_ls_sigma_I                          ? 
_refine.ls_number_reflns_all                     ? 
_refine.ls_R_factor_all                          ? 
_refine.ls_R_factor_obs                          ? 
_refine.ls_redundancy_reflns_obs                 ? 
_refine.pdbx_data_cutoff_high_absF               ? 
_refine.pdbx_data_cutoff_low_absF                ? 
_refine.ls_number_parameters                     ? 
_refine.ls_number_restraints                     ? 
_refine.ls_R_factor_R_free_error                 ? 
_refine.ls_R_factor_R_free_error_details         ? 
_refine.pdbx_starting_model                      ? 
_refine.pdbx_ls_cross_valid_method               ? 
_refine.pdbx_R_Free_selection_details            ? 
_refine.pdbx_stereochem_target_val_spec_case     ? 
_refine.pdbx_stereochemistry_target_values       ? 
_refine.solvent_model_details                    ? 
_refine.solvent_model_param_ksol                 ? 
_refine.occupancy_max                            ? 
_refine.occupancy_min                            ? 
_refine.pdbx_isotropic_thermal_model             ? 
_refine.details                                  ? 
_refine.overall_SU_ML                            ? 
_refine.overall_SU_B                             ? 
_refine.pdbx_overall_ESU_R                       ? 
_refine.pdbx_overall_ESU_R_Free                  ? 
_refine.pdbx_data_cutoff_high_rms_absF           ? 
_refine.pdbx_overall_phase_error                 ? 
_refine.correlation_coeff_Fo_to_Fc               ? 
_refine.correlation_coeff_Fo_to_Fc_free          ? 
_refine.pdbx_solvent_vdw_probe_radii             ? 
_refine.pdbx_solvent_ion_probe_radii             ? 
_refine.pdbx_solvent_shrinkage_radii             ? 
_refine.overall_SU_R_Cruickshank_DPI             ? 
_refine.overall_SU_R_free                        ? 
_refine.ls_wR_factor_R_free                      ? 
_refine.ls_wR_factor_R_work                      ? 
_refine.overall_FOM_free_R_set                   ? 
_refine.pdbx_refine_id                           'X-RAY DIFFRACTION' 
_refine.pdbx_diffrn_id                           1 
_refine.pdbx_TLS_residual_ADP_flag               ? 
_refine.pdbx_overall_SU_R_free_Cruickshank_DPI   ? 
_refine.pdbx_overall_SU_R_Blow_DPI               ? 
_refine.pdbx_overall_SU_R_free_Blow_DPI          ? 
# 
_refine_hist.pdbx_refine_id                   'X-RAY DIFFRACTION' 
_refine_hist.cycle_id                         LAST 
_refine_hist.pdbx_number_atoms_protein        0 
_refine_hist.pdbx_number_atoms_nucleic_acid   464 
_refine_hist.pdbx_number_atoms_ligand         8 
_refine_hist.number_atoms_solvent             54 
_refine_hist.number_atoms_total               526 
_refine_hist.d_res_high                       2.300 
_refine_hist.d_res_low                        37.432 
# 
loop_
_refine_ls_restr.type 
_refine_ls_restr.number 
_refine_ls_restr.dev_ideal 
_refine_ls_restr.dev_ideal_target 
_refine_ls_restr.weight 
_refine_ls_restr.pdbx_refine_id 
_refine_ls_restr.pdbx_restraint_function 
c_bond_d    ? 0.004 ? ? 'X-RAY DIFFRACTION' ? 
c_angle_deg ? 0.8   ? ? 'X-RAY DIFFRACTION' ? 
# 
loop_
_pdbx_xplor_file.serial_no 
_pdbx_xplor_file.param_file 
_pdbx_xplor_file.topol_file 
_pdbx_xplor_file.pdbx_refine_id 
1 CNS_TOPPAR:dna-rna_rep.param CNS_TOPPAR:dna-rna.top 'X-RAY DIFFRACTION' 
2 bru.param                    bru.top                'X-RAY DIFFRACTION' 
3 nco_xplor.param              nco_xplor.top          'X-RAY DIFFRACTION' 
4 CNS_TOPPAR:ion.param         CNS_TOPPAR:ion.top     'X-RAY DIFFRACTION' 
5 CNS_TOPPAR:water_rep.param   CNS_TOPPAR:water.top   'X-RAY DIFFRACTION' 
# 
_struct.entry_id                  3BNT 
_struct.title                     
;Crystal Structure of the Homo sapiens Mitochondrial Ribosomal Decoding Site in the Presence of [Co(NH3)6]Cl3 (A1555G mutant, Br-derivative)
;
_struct.pdbx_model_details        ? 
_struct.pdbx_CASP_flag            N 
_struct.pdbx_model_type_details   ? 
# 
_struct_keywords.entry_id        3BNT 
_struct_keywords.text            'ribosome, decoding site, RNA' 
_struct_keywords.pdbx_keywords   RNA 
# 
loop_
_struct_asym.id 
_struct_asym.pdbx_blank_PDB_chainid_flag 
_struct_asym.pdbx_modified 
_struct_asym.entity_id 
_struct_asym.details 
A N N 1 ? 
B N N 2 ? 
C N N 3 ? 
D N N 4 ? 
# 
_struct_ref.id                         1 
_struct_ref.db_name                    PDB 
_struct_ref.db_code                    3BNT 
_struct_ref.pdbx_db_accession          3BNT 
_struct_ref.entity_id                  1 
_struct_ref.pdbx_align_begin           ? 
_struct_ref.pdbx_seq_one_letter_code   ? 
_struct_ref.pdbx_db_isoform            ? 
# 
_struct_ref_seq.align_id                      1 
_struct_ref_seq.ref_id                        1 
_struct_ref_seq.pdbx_PDB_id_code              3BNT 
_struct_ref_seq.pdbx_strand_id                A 
_struct_ref_seq.seq_align_beg                 1 
_struct_ref_seq.pdbx_seq_align_beg_ins_code   ? 
_struct_ref_seq.seq_align_end                 22 
_struct_ref_seq.pdbx_seq_align_end_ins_code   ? 
_struct_ref_seq.pdbx_db_accession             3BNT 
_struct_ref_seq.db_align_beg                  1 
_struct_ref_seq.pdbx_db_align_beg_ins_code    ? 
_struct_ref_seq.db_align_end                  22 
_struct_ref_seq.pdbx_db_align_end_ins_code    ? 
_struct_ref_seq.pdbx_auth_seq_align_beg       1 
_struct_ref_seq.pdbx_auth_seq_align_end       22 
# 
_pdbx_struct_assembly.id                   1 
_pdbx_struct_assembly.details              author_and_software_defined_assembly 
_pdbx_struct_assembly.method_details       PISA 
_pdbx_struct_assembly.oligomeric_details   dimeric 
_pdbx_struct_assembly.oligomeric_count     2 
# 
_pdbx_struct_assembly_prop.biol_id   1 
_pdbx_struct_assembly_prop.type      'ABSA (A^2)' 
_pdbx_struct_assembly_prop.value     4330 
_pdbx_struct_assembly_prop.details   ? 
# 
_pdbx_struct_assembly_gen.assembly_id       1 
_pdbx_struct_assembly_gen.oper_expression   1,2 
_pdbx_struct_assembly_gen.asym_id_list      A,B,C,D 
# 
loop_
_pdbx_struct_oper_list.id 
_pdbx_struct_oper_list.type 
_pdbx_struct_oper_list.name 
_pdbx_struct_oper_list.symmetry_operation 
_pdbx_struct_oper_list.matrix[1][1] 
_pdbx_struct_oper_list.matrix[1][2] 
_pdbx_struct_oper_list.matrix[1][3] 
_pdbx_struct_oper_list.vector[1] 
_pdbx_struct_oper_list.matrix[2][1] 
_pdbx_struct_oper_list.matrix[2][2] 
_pdbx_struct_oper_list.matrix[2][3] 
_pdbx_struct_oper_list.vector[2] 
_pdbx_struct_oper_list.matrix[3][1] 
_pdbx_struct_oper_list.matrix[3][2] 
_pdbx_struct_oper_list.matrix[3][3] 
_pdbx_struct_oper_list.vector[3] 
1 'identity operation'         1_555 x,y,z       1.0000000000  0.0000000000  0.0000000000 0.0000000000  0.0000000000  1.0000000000 0.0000000000  0.0000000000  0.0000000000 0.0000000000  1.0000000000  0.0000000000 
2 'crystal symmetry operation' 4_665 -x+1,-y+1,z -0.8477214679 -0.4393178503 0.2972677906 -3.6483067337 -0.4393178503 0.2674155109 -0.8576064196 -0.5098276927 0.2972677906 -0.8576064196 -0.4196940430 1.1154332849 
# 
loop_
_struct_conn.id 
_struct_conn.conn_type_id 
_struct_conn.pdbx_leaving_atom_flag 
_struct_conn.pdbx_PDB_id 
_struct_conn.ptnr1_label_asym_id 
_struct_conn.ptnr1_label_comp_id 
_struct_conn.ptnr1_label_seq_id 
_struct_conn.ptnr1_label_atom_id 
_struct_conn.pdbx_ptnr1_label_alt_id 
_struct_conn.pdbx_ptnr1_PDB_ins_code 
_struct_conn.pdbx_ptnr1_standard_comp_id 
_struct_conn.ptnr1_symmetry 
_struct_conn.ptnr2_label_asym_id 
_struct_conn.ptnr2_label_comp_id 
_struct_conn.ptnr2_label_seq_id 
_struct_conn.ptnr2_label_atom_id 
_struct_conn.pdbx_ptnr2_label_alt_id 
_struct_conn.pdbx_ptnr2_PDB_ins_code 
_struct_conn.ptnr1_auth_asym_id 
_struct_conn.ptnr1_auth_comp_id 
_struct_conn.ptnr1_auth_seq_id 
_struct_conn.ptnr2_auth_asym_id 
_struct_conn.ptnr2_auth_comp_id 
_struct_conn.ptnr2_auth_seq_id 
_struct_conn.ptnr2_symmetry 
_struct_conn.pdbx_ptnr3_label_atom_id 
_struct_conn.pdbx_ptnr3_label_seq_id 
_struct_conn.pdbx_ptnr3_label_comp_id 
_struct_conn.pdbx_ptnr3_label_asym_id 
_struct_conn.pdbx_ptnr3_label_alt_id 
_struct_conn.pdbx_ptnr3_PDB_ins_code 
_struct_conn.details 
_struct_conn.pdbx_dist_value 
_struct_conn.pdbx_value_order 
_struct_conn.pdbx_role 
covale1  covale both ? A C   9  "O3'" ? ? ? 1_555 A 5BU 10 P  ? ? A C   9  A 5BU 10 1_555 ? ? ? ? ? ? ?             1.607 ? ? 
covale2  covale both ? A 5BU 10 "O3'" ? ? ? 1_555 A C   11 P  ? ? A 5BU 10 A C   11 1_555 ? ? ? ? ? ? ?             1.606 ? ? 
metalc1  metalc ?    ? A C   22 "O3'" ? ? ? 1_555 B NA  .  NA ? ? A C   22 A NA  23 1_555 ? ? ? ? ? ? ?             2.603 ? ? 
metalc2  metalc ?    ? A C   22 "O2'" ? ? ? 1_555 B NA  .  NA ? ? A C   22 A NA  23 1_555 ? ? ? ? ? ? ?             2.883 ? ? 
hydrog1  hydrog ?    ? A G   2  N1    ? ? ? 1_555 A C   22 N3 ? ? A G   2  A C   22 4_665 ? ? ? ? ? ? WATSON-CRICK  ?     ? ? 
hydrog2  hydrog ?    ? A G   2  N2    ? ? ? 1_555 A C   22 O2 ? ? A G   2  A C   22 4_665 ? ? ? ? ? ? WATSON-CRICK  ?     ? ? 
hydrog3  hydrog ?    ? A G   2  O6    ? ? ? 1_555 A C   22 N4 ? ? A G   2  A C   22 4_665 ? ? ? ? ? ? WATSON-CRICK  ?     ? ? 
hydrog4  hydrog ?    ? A C   3  N3    ? ? ? 1_555 A G   21 N1 ? ? A C   3  A G   21 4_665 ? ? ? ? ? ? WATSON-CRICK  ?     ? ? 
hydrog5  hydrog ?    ? A C   3  N4    ? ? ? 1_555 A G   21 O6 ? ? A C   3  A G   21 4_665 ? ? ? ? ? ? WATSON-CRICK  ?     ? ? 
hydrog6  hydrog ?    ? A C   3  O2    ? ? ? 1_555 A G   21 N2 ? ? A C   3  A G   21 4_665 ? ? ? ? ? ? WATSON-CRICK  ?     ? ? 
hydrog7  hydrog ?    ? A G   4  N1    ? ? ? 1_555 A C   20 N3 ? ? A G   4  A C   20 4_665 ? ? ? ? ? ? WATSON-CRICK  ?     ? ? 
hydrog8  hydrog ?    ? A G   4  N2    ? ? ? 1_555 A C   20 O2 ? ? A G   4  A C   20 4_665 ? ? ? ? ? ? WATSON-CRICK  ?     ? ? 
hydrog9  hydrog ?    ? A G   4  O6    ? ? ? 1_555 A C   20 N4 ? ? A G   4  A C   20 4_665 ? ? ? ? ? ? WATSON-CRICK  ?     ? ? 
hydrog10 hydrog ?    ? A U   5  N3    ? ? ? 1_555 A U   19 O4 ? ? A U   5  A U   19 4_665 ? ? ? ? ? ? TYPE_16_PAIR  ?     ? ? 
hydrog11 hydrog ?    ? A U   5  O2    ? ? ? 1_555 A U   19 N3 ? ? A U   5  A U   19 4_665 ? ? ? ? ? ? TYPE_16_PAIR  ?     ? ? 
hydrog12 hydrog ?    ? A C   6  N3    ? ? ? 1_555 A G   18 N1 ? ? A C   6  A G   18 4_665 ? ? ? ? ? ? WATSON-CRICK  ?     ? ? 
hydrog13 hydrog ?    ? A C   6  N4    ? ? ? 1_555 A G   18 O6 ? ? A C   6  A G   18 4_665 ? ? ? ? ? ? WATSON-CRICK  ?     ? ? 
hydrog14 hydrog ?    ? A C   6  O2    ? ? ? 1_555 A G   18 N2 ? ? A C   6  A G   18 4_665 ? ? ? ? ? ? WATSON-CRICK  ?     ? ? 
hydrog15 hydrog ?    ? A A   7  N1    ? ? ? 1_555 A A   17 N6 ? ? A A   7  A A   17 4_665 ? ? ? ? ? ? 'A-A MISPAIR' ?     ? ? 
hydrog16 hydrog ?    ? A C   8  N4    ? ? ? 1_555 A C   15 O2 ? ? A C   8  A C   15 4_665 ? ? ? ? ? ? 'C-C MISPAIR' ?     ? ? 
hydrog17 hydrog ?    ? A C   9  N3    ? ? ? 1_555 A G   14 N1 ? ? A C   9  A G   14 4_665 ? ? ? ? ? ? WATSON-CRICK  ?     ? ? 
hydrog18 hydrog ?    ? A C   9  N4    ? ? ? 1_555 A G   14 O6 ? ? A C   9  A G   14 4_665 ? ? ? ? ? ? WATSON-CRICK  ?     ? ? 
hydrog19 hydrog ?    ? A C   9  O2    ? ? ? 1_555 A G   14 N2 ? ? A C   9  A G   14 4_665 ? ? ? ? ? ? WATSON-CRICK  ?     ? ? 
hydrog20 hydrog ?    ? A 5BU 10 N3    ? ? ? 1_555 A A   13 N1 ? ? A 5BU 10 A A   13 4_665 ? ? ? ? ? ? WATSON-CRICK  ?     ? ? 
hydrog21 hydrog ?    ? A 5BU 10 O4    ? ? ? 1_555 A A   13 N6 ? ? A 5BU 10 A A   13 4_665 ? ? ? ? ? ? WATSON-CRICK  ?     ? ? 
hydrog22 hydrog ?    ? A C   11 N3    ? ? ? 1_555 A G   12 N1 ? ? A C   11 A G   12 4_665 ? ? ? ? ? ? WATSON-CRICK  ?     ? ? 
hydrog23 hydrog ?    ? A C   11 N4    ? ? ? 1_555 A G   12 O6 ? ? A C   11 A G   12 4_665 ? ? ? ? ? ? WATSON-CRICK  ?     ? ? 
hydrog24 hydrog ?    ? A C   11 O2    ? ? ? 1_555 A G   12 N2 ? ? A C   11 A G   12 4_665 ? ? ? ? ? ? WATSON-CRICK  ?     ? ? 
hydrog25 hydrog ?    ? A G   12 N1    ? ? ? 1_555 A C   11 N3 ? ? A G   12 A C   11 4_665 ? ? ? ? ? ? WATSON-CRICK  ?     ? ? 
hydrog26 hydrog ?    ? A G   12 N2    ? ? ? 1_555 A C   11 O2 ? ? A G   12 A C   11 4_665 ? ? ? ? ? ? WATSON-CRICK  ?     ? ? 
hydrog27 hydrog ?    ? A G   12 O6    ? ? ? 1_555 A C   11 N4 ? ? A G   12 A C   11 4_665 ? ? ? ? ? ? WATSON-CRICK  ?     ? ? 
hydrog28 hydrog ?    ? A A   13 N1    ? ? ? 1_555 A 5BU 10 N3 ? ? A A   13 A 5BU 10 4_665 ? ? ? ? ? ? WATSON-CRICK  ?     ? ? 
hydrog29 hydrog ?    ? A A   13 N6    ? ? ? 1_555 A 5BU 10 O4 ? ? A A   13 A 5BU 10 4_665 ? ? ? ? ? ? WATSON-CRICK  ?     ? ? 
hydrog30 hydrog ?    ? A G   14 N1    ? ? ? 1_555 A C   9  N3 ? ? A G   14 A C   9  4_665 ? ? ? ? ? ? WATSON-CRICK  ?     ? ? 
hydrog31 hydrog ?    ? A G   14 N2    ? ? ? 1_555 A C   9  O2 ? ? A G   14 A C   9  4_665 ? ? ? ? ? ? WATSON-CRICK  ?     ? ? 
hydrog32 hydrog ?    ? A G   14 O6    ? ? ? 1_555 A C   9  N4 ? ? A G   14 A C   9  4_665 ? ? ? ? ? ? WATSON-CRICK  ?     ? ? 
hydrog33 hydrog ?    ? A C   15 O2    ? ? ? 1_555 A C   8  N4 ? ? A C   15 A C   8  4_665 ? ? ? ? ? ? 'C-C MISPAIR' ?     ? ? 
hydrog34 hydrog ?    ? A A   17 N6    ? ? ? 1_555 A A   7  N1 ? ? A A   17 A A   7  4_665 ? ? ? ? ? ? 'A-A MISPAIR' ?     ? ? 
hydrog35 hydrog ?    ? A G   18 N1    ? ? ? 1_555 A C   6  N3 ? ? A G   18 A C   6  4_665 ? ? ? ? ? ? WATSON-CRICK  ?     ? ? 
hydrog36 hydrog ?    ? A G   18 N2    ? ? ? 1_555 A C   6  O2 ? ? A G   18 A C   6  4_665 ? ? ? ? ? ? WATSON-CRICK  ?     ? ? 
hydrog37 hydrog ?    ? A G   18 O6    ? ? ? 1_555 A C   6  N4 ? ? A G   18 A C   6  4_665 ? ? ? ? ? ? WATSON-CRICK  ?     ? ? 
hydrog38 hydrog ?    ? A U   19 N3    ? ? ? 1_555 A U   5  O2 ? ? A U   19 A U   5  4_665 ? ? ? ? ? ? TYPE_16_PAIR  ?     ? ? 
hydrog39 hydrog ?    ? A U   19 O4    ? ? ? 1_555 A U   5  N3 ? ? A U   19 A U   5  4_665 ? ? ? ? ? ? TYPE_16_PAIR  ?     ? ? 
hydrog40 hydrog ?    ? A C   20 N3    ? ? ? 1_555 A G   4  N1 ? ? A C   20 A G   4  4_665 ? ? ? ? ? ? WATSON-CRICK  ?     ? ? 
hydrog41 hydrog ?    ? A C   20 N4    ? ? ? 1_555 A G   4  O6 ? ? A C   20 A G   4  4_665 ? ? ? ? ? ? WATSON-CRICK  ?     ? ? 
hydrog42 hydrog ?    ? A C   20 O2    ? ? ? 1_555 A G   4  N2 ? ? A C   20 A G   4  4_665 ? ? ? ? ? ? WATSON-CRICK  ?     ? ? 
hydrog43 hydrog ?    ? A G   21 N1    ? ? ? 1_555 A C   3  N3 ? ? A G   21 A C   3  4_665 ? ? ? ? ? ? WATSON-CRICK  ?     ? ? 
hydrog44 hydrog ?    ? A G   21 N2    ? ? ? 1_555 A C   3  O2 ? ? A G   21 A C   3  4_665 ? ? ? ? ? ? WATSON-CRICK  ?     ? ? 
hydrog45 hydrog ?    ? A G   21 O6    ? ? ? 1_555 A C   3  N4 ? ? A G   21 A C   3  4_665 ? ? ? ? ? ? WATSON-CRICK  ?     ? ? 
hydrog46 hydrog ?    ? A C   22 N3    ? ? ? 1_555 A G   2  N1 ? ? A C   22 A G   2  4_665 ? ? ? ? ? ? WATSON-CRICK  ?     ? ? 
hydrog47 hydrog ?    ? A C   22 N4    ? ? ? 1_555 A G   2  O6 ? ? A C   22 A G   2  4_665 ? ? ? ? ? ? WATSON-CRICK  ?     ? ? 
hydrog48 hydrog ?    ? A C   22 O2    ? ? ? 1_555 A G   2  N2 ? ? A C   22 A G   2  4_665 ? ? ? ? ? ? WATSON-CRICK  ?     ? ? 
# 
loop_
_struct_conn_type.id 
_struct_conn_type.criteria 
_struct_conn_type.reference 
covale ? ? 
metalc ? ? 
hydrog ? ? 
# 
_pdbx_struct_conn_angle.id                    1 
_pdbx_struct_conn_angle.ptnr1_label_atom_id   "O3'" 
_pdbx_struct_conn_angle.ptnr1_label_alt_id    ? 
_pdbx_struct_conn_angle.ptnr1_label_asym_id   A 
_pdbx_struct_conn_angle.ptnr1_label_comp_id   C 
_pdbx_struct_conn_angle.ptnr1_label_seq_id    22 
_pdbx_struct_conn_angle.ptnr1_auth_atom_id    ? 
_pdbx_struct_conn_angle.ptnr1_auth_asym_id    A 
_pdbx_struct_conn_angle.ptnr1_auth_comp_id    C 
_pdbx_struct_conn_angle.ptnr1_auth_seq_id     22 
_pdbx_struct_conn_angle.ptnr1_PDB_ins_code    ? 
_pdbx_struct_conn_angle.ptnr1_symmetry        1_555 
_pdbx_struct_conn_angle.ptnr2_label_atom_id   NA 
_pdbx_struct_conn_angle.ptnr2_label_alt_id    ? 
_pdbx_struct_conn_angle.ptnr2_label_asym_id   B 
_pdbx_struct_conn_angle.ptnr2_label_comp_id   NA 
_pdbx_struct_conn_angle.ptnr2_label_seq_id    . 
_pdbx_struct_conn_angle.ptnr2_auth_atom_id    ? 
_pdbx_struct_conn_angle.ptnr2_auth_asym_id    A 
_pdbx_struct_conn_angle.ptnr2_auth_comp_id    NA 
_pdbx_struct_conn_angle.ptnr2_auth_seq_id     23 
_pdbx_struct_conn_angle.ptnr2_PDB_ins_code    ? 
_pdbx_struct_conn_angle.ptnr2_symmetry        1_555 
_pdbx_struct_conn_angle.ptnr3_label_atom_id   "O2'" 
_pdbx_struct_conn_angle.ptnr3_label_alt_id    ? 
_pdbx_struct_conn_angle.ptnr3_label_asym_id   A 
_pdbx_struct_conn_angle.ptnr3_label_comp_id   C 
_pdbx_struct_conn_angle.ptnr3_label_seq_id    22 
_pdbx_struct_conn_angle.ptnr3_auth_atom_id    ? 
_pdbx_struct_conn_angle.ptnr3_auth_asym_id    A 
_pdbx_struct_conn_angle.ptnr3_auth_comp_id    C 
_pdbx_struct_conn_angle.ptnr3_auth_seq_id     22 
_pdbx_struct_conn_angle.ptnr3_PDB_ins_code    ? 
_pdbx_struct_conn_angle.ptnr3_symmetry        1_555 
_pdbx_struct_conn_angle.value                 60.3 
_pdbx_struct_conn_angle.value_esd             ? 
# 
loop_
_struct_site.id 
_struct_site.pdbx_evidence_code 
_struct_site.pdbx_auth_asym_id 
_struct_site.pdbx_auth_comp_id 
_struct_site.pdbx_auth_seq_id 
_struct_site.pdbx_auth_ins_code 
_struct_site.pdbx_num_residues 
_struct_site.details 
AC1 Software A NA  23 ? 1 'BINDING SITE FOR RESIDUE NA A 23'  
AC2 Software A NCO 24 ? 2 'BINDING SITE FOR RESIDUE NCO A 24' 
# 
loop_
_struct_site_gen.id 
_struct_site_gen.site_id 
_struct_site_gen.pdbx_num_res 
_struct_site_gen.label_comp_id 
_struct_site_gen.label_asym_id 
_struct_site_gen.label_seq_id 
_struct_site_gen.pdbx_auth_ins_code 
_struct_site_gen.auth_comp_id 
_struct_site_gen.auth_asym_id 
_struct_site_gen.auth_seq_id 
_struct_site_gen.label_atom_id 
_struct_site_gen.label_alt_id 
_struct_site_gen.symmetry 
_struct_site_gen.details 
1 AC1 1 HOH D . ? HOH A 76 . ? 3_664 ? 
2 AC2 2 HOH D . ? HOH A 69 . ? 1_555 ? 
3 AC2 2 HOH D . ? HOH A 71 . ? 1_555 ? 
# 
_pdbx_struct_mod_residue.id               1 
_pdbx_struct_mod_residue.label_asym_id    A 
_pdbx_struct_mod_residue.label_comp_id    5BU 
_pdbx_struct_mod_residue.label_seq_id     10 
_pdbx_struct_mod_residue.auth_asym_id     A 
_pdbx_struct_mod_residue.auth_comp_id     5BU 
_pdbx_struct_mod_residue.auth_seq_id      10 
_pdbx_struct_mod_residue.PDB_ins_code     ? 
_pdbx_struct_mod_residue.parent_comp_id   U 
_pdbx_struct_mod_residue.details          "5-BROMO-URIDINE-5'-MONOPHOSPHATE" 
# 
_pdbx_struct_special_symmetry.id              1 
_pdbx_struct_special_symmetry.PDB_model_num   1 
_pdbx_struct_special_symmetry.auth_asym_id    A 
_pdbx_struct_special_symmetry.auth_comp_id    HOH 
_pdbx_struct_special_symmetry.auth_seq_id     78 
_pdbx_struct_special_symmetry.PDB_ins_code    ? 
_pdbx_struct_special_symmetry.label_asym_id   D 
_pdbx_struct_special_symmetry.label_comp_id   HOH 
_pdbx_struct_special_symmetry.label_seq_id    . 
# 
_diffrn_reflns.diffrn_id                   1 
_diffrn_reflns.pdbx_d_res_high             2.301 
_diffrn_reflns.pdbx_d_res_low              37.406 
_diffrn_reflns.pdbx_number_obs             3368 
_diffrn_reflns.pdbx_Rmerge_I_obs           0.084 
_diffrn_reflns.pdbx_Rsym_value             0.084 
_diffrn_reflns.pdbx_chi_squared            ? 
_diffrn_reflns.av_sigmaI_over_netI         5.10 
_diffrn_reflns.pdbx_redundancy             9.90 
_diffrn_reflns.pdbx_percent_possible_obs   100.00 
_diffrn_reflns.number                      33495 
# 
loop_
_pdbx_diffrn_reflns_shell.diffrn_id 
_pdbx_diffrn_reflns_shell.d_res_high 
_pdbx_diffrn_reflns_shell.d_res_low 
_pdbx_diffrn_reflns_shell.number_obs 
_pdbx_diffrn_reflns_shell.rejects 
_pdbx_diffrn_reflns_shell.Rmerge_I_obs 
_pdbx_diffrn_reflns_shell.Rsym_value 
_pdbx_diffrn_reflns_shell.chi_squared 
_pdbx_diffrn_reflns_shell.redundancy 
_pdbx_diffrn_reflns_shell.percent_possible_obs 
1 7.27 37.41 ? ? 0.070 0.070 ? 8.30  99.40  
1 5.14 7.27  ? ? 0.056 0.056 ? 9.00  99.90  
1 4.20 5.14  ? ? 0.065 0.065 ? 9.30  100.00 
1 3.64 4.20  ? ? 0.079 0.079 ? 9.70  100.00 
1 3.25 3.64  ? ? 0.076 0.076 ? 9.90  100.00 
1 2.97 3.25  ? ? 0.081 0.081 ? 9.90  100.00 
1 2.75 2.97  ? ? 0.095 0.095 ? 10.10 100.00 
1 2.57 2.75  ? ? 0.146 0.146 ? 10.30 100.00 
1 2.42 2.57  ? ? 0.233 0.233 ? 10.50 100.00 
1 2.30 2.42  ? ? 0.304 0.304 ? 10.50 100.00 
# 
_phasing.method   MAD 
# 
_phasing_MAD_clust.id           1 
_phasing_MAD_clust.expt_id      '3 wavelength' 
_phasing_MAD_clust.number_set   ? 
# 
_phasing_MAD_expt.id         '3 wavelength' 
_phasing_MAD_expt.mean_fom   ? 
# 
loop_
_phasing_MAD_set.clust_id 
_phasing_MAD_set.expt_id 
_phasing_MAD_set.set_id 
_phasing_MAD_set.wavelength 
_phasing_MAD_set.pdbx_f_prime_refined 
_phasing_MAD_set.pdbx_f_double_prime_refined 
1 '3 wavelength' 1 0.9164 -5.25 3.80 
1 '3 wavelength' 2 0.9195 -6.68 4.01 
1 '3 wavelength' 3 0.9199 -7.51 3.85 
# 
loop_
_phasing_set.id 
_phasing_set.pdbx_d_res_high 
_phasing_set.pdbx_d_res_low 
1 . . 
2 . . 
3 . . 
# 
loop_
_chem_comp_atom.comp_id 
_chem_comp_atom.atom_id 
_chem_comp_atom.type_symbol 
_chem_comp_atom.pdbx_aromatic_flag 
_chem_comp_atom.pdbx_stereo_config 
_chem_comp_atom.pdbx_ordinal 
5BU P      P  N N 1   
5BU OP1    O  N N 2   
5BU OP2    O  N N 3   
5BU OP3    O  N N 4   
5BU "O5'"  O  N N 5   
5BU "C5'"  C  N N 6   
5BU "C4'"  C  N R 7   
5BU "O4'"  O  N N 8   
5BU "C3'"  C  N S 9   
5BU "O3'"  O  N N 10  
5BU "C2'"  C  N R 11  
5BU "O2'"  O  N N 12  
5BU "C1'"  C  N R 13  
5BU N1     N  N N 14  
5BU C2     C  N N 15  
5BU O2     O  N N 16  
5BU N3     N  N N 17  
5BU C4     C  N N 18  
5BU O4     O  N N 19  
5BU C5     C  N N 20  
5BU C6     C  N N 21  
5BU BR     BR N N 22  
5BU HOP2   H  N N 23  
5BU HOP3   H  N N 24  
5BU "H5'"  H  N N 25  
5BU "H5''" H  N N 26  
5BU "H4'"  H  N N 27  
5BU "H3'"  H  N N 28  
5BU "HO3'" H  N N 29  
5BU "H2'"  H  N N 30  
5BU "HO2'" H  N N 31  
5BU "H1'"  H  N N 32  
5BU H3     H  N N 33  
5BU H6     H  N N 34  
A   OP3    O  N N 35  
A   P      P  N N 36  
A   OP1    O  N N 37  
A   OP2    O  N N 38  
A   "O5'"  O  N N 39  
A   "C5'"  C  N N 40  
A   "C4'"  C  N R 41  
A   "O4'"  O  N N 42  
A   "C3'"  C  N S 43  
A   "O3'"  O  N N 44  
A   "C2'"  C  N R 45  
A   "O2'"  O  N N 46  
A   "C1'"  C  N R 47  
A   N9     N  Y N 48  
A   C8     C  Y N 49  
A   N7     N  Y N 50  
A   C5     C  Y N 51  
A   C6     C  Y N 52  
A   N6     N  N N 53  
A   N1     N  Y N 54  
A   C2     C  Y N 55  
A   N3     N  Y N 56  
A   C4     C  Y N 57  
A   HOP3   H  N N 58  
A   HOP2   H  N N 59  
A   "H5'"  H  N N 60  
A   "H5''" H  N N 61  
A   "H4'"  H  N N 62  
A   "H3'"  H  N N 63  
A   "HO3'" H  N N 64  
A   "H2'"  H  N N 65  
A   "HO2'" H  N N 66  
A   "H1'"  H  N N 67  
A   H8     H  N N 68  
A   H61    H  N N 69  
A   H62    H  N N 70  
A   H2     H  N N 71  
C   OP3    O  N N 72  
C   P      P  N N 73  
C   OP1    O  N N 74  
C   OP2    O  N N 75  
C   "O5'"  O  N N 76  
C   "C5'"  C  N N 77  
C   "C4'"  C  N R 78  
C   "O4'"  O  N N 79  
C   "C3'"  C  N S 80  
C   "O3'"  O  N N 81  
C   "C2'"  C  N R 82  
C   "O2'"  O  N N 83  
C   "C1'"  C  N R 84  
C   N1     N  N N 85  
C   C2     C  N N 86  
C   O2     O  N N 87  
C   N3     N  N N 88  
C   C4     C  N N 89  
C   N4     N  N N 90  
C   C5     C  N N 91  
C   C6     C  N N 92  
C   HOP3   H  N N 93  
C   HOP2   H  N N 94  
C   "H5'"  H  N N 95  
C   "H5''" H  N N 96  
C   "H4'"  H  N N 97  
C   "H3'"  H  N N 98  
C   "HO3'" H  N N 99  
C   "H2'"  H  N N 100 
C   "HO2'" H  N N 101 
C   "H1'"  H  N N 102 
C   H41    H  N N 103 
C   H42    H  N N 104 
C   H5     H  N N 105 
C   H6     H  N N 106 
G   OP3    O  N N 107 
G   P      P  N N 108 
G   OP1    O  N N 109 
G   OP2    O  N N 110 
G   "O5'"  O  N N 111 
G   "C5'"  C  N N 112 
G   "C4'"  C  N R 113 
G   "O4'"  O  N N 114 
G   "C3'"  C  N S 115 
G   "O3'"  O  N N 116 
G   "C2'"  C  N R 117 
G   "O2'"  O  N N 118 
G   "C1'"  C  N R 119 
G   N9     N  Y N 120 
G   C8     C  Y N 121 
G   N7     N  Y N 122 
G   C5     C  Y N 123 
G   C6     C  N N 124 
G   O6     O  N N 125 
G   N1     N  N N 126 
G   C2     C  N N 127 
G   N2     N  N N 128 
G   N3     N  N N 129 
G   C4     C  Y N 130 
G   HOP3   H  N N 131 
G   HOP2   H  N N 132 
G   "H5'"  H  N N 133 
G   "H5''" H  N N 134 
G   "H4'"  H  N N 135 
G   "H3'"  H  N N 136 
G   "HO3'" H  N N 137 
G   "H2'"  H  N N 138 
G   "HO2'" H  N N 139 
G   "H1'"  H  N N 140 
G   H8     H  N N 141 
G   H1     H  N N 142 
G   H21    H  N N 143 
G   H22    H  N N 144 
HOH O      O  N N 145 
HOH H1     H  N N 146 
HOH H2     H  N N 147 
NA  NA     NA N N 148 
NCO CO     CO N N 149 
NCO N1     N  N N 150 
NCO N2     N  N N 151 
NCO N3     N  N N 152 
NCO N4     N  N N 153 
NCO N5     N  N N 154 
NCO N6     N  N N 155 
NCO HN11   H  N N 156 
NCO HN12   H  N N 157 
NCO HN13   H  N N 158 
NCO HN21   H  N N 159 
NCO HN22   H  N N 160 
NCO HN23   H  N N 161 
NCO HN31   H  N N 162 
NCO HN32   H  N N 163 
NCO HN33   H  N N 164 
NCO HN41   H  N N 165 
NCO HN42   H  N N 166 
NCO HN43   H  N N 167 
NCO HN51   H  N N 168 
NCO HN52   H  N N 169 
NCO HN53   H  N N 170 
NCO HN61   H  N N 171 
NCO HN62   H  N N 172 
NCO HN63   H  N N 173 
U   OP3    O  N N 174 
U   P      P  N N 175 
U   OP1    O  N N 176 
U   OP2    O  N N 177 
U   "O5'"  O  N N 178 
U   "C5'"  C  N N 179 
U   "C4'"  C  N R 180 
U   "O4'"  O  N N 181 
U   "C3'"  C  N S 182 
U   "O3'"  O  N N 183 
U   "C2'"  C  N R 184 
U   "O2'"  O  N N 185 
U   "C1'"  C  N R 186 
U   N1     N  N N 187 
U   C2     C  N N 188 
U   O2     O  N N 189 
U   N3     N  N N 190 
U   C4     C  N N 191 
U   O4     O  N N 192 
U   C5     C  N N 193 
U   C6     C  N N 194 
U   HOP3   H  N N 195 
U   HOP2   H  N N 196 
U   "H5'"  H  N N 197 
U   "H5''" H  N N 198 
U   "H4'"  H  N N 199 
U   "H3'"  H  N N 200 
U   "HO3'" H  N N 201 
U   "H2'"  H  N N 202 
U   "HO2'" H  N N 203 
U   "H1'"  H  N N 204 
U   H3     H  N N 205 
U   H5     H  N N 206 
U   H6     H  N N 207 
# 
loop_
_chem_comp_bond.comp_id 
_chem_comp_bond.atom_id_1 
_chem_comp_bond.atom_id_2 
_chem_comp_bond.value_order 
_chem_comp_bond.pdbx_aromatic_flag 
_chem_comp_bond.pdbx_stereo_config 
_chem_comp_bond.pdbx_ordinal 
5BU P     OP1    doub N N 1   
5BU P     OP2    sing N N 2   
5BU P     OP3    sing N N 3   
5BU P     "O5'"  sing N N 4   
5BU OP2   HOP2   sing N N 5   
5BU OP3   HOP3   sing N N 6   
5BU "O5'" "C5'"  sing N N 7   
5BU "C5'" "C4'"  sing N N 8   
5BU "C5'" "H5'"  sing N N 9   
5BU "C5'" "H5''" sing N N 10  
5BU "C4'" "O4'"  sing N N 11  
5BU "C4'" "C3'"  sing N N 12  
5BU "C4'" "H4'"  sing N N 13  
5BU "O4'" "C1'"  sing N N 14  
5BU "C3'" "O3'"  sing N N 15  
5BU "C3'" "C2'"  sing N N 16  
5BU "C3'" "H3'"  sing N N 17  
5BU "O3'" "HO3'" sing N N 18  
5BU "C2'" "O2'"  sing N N 19  
5BU "C2'" "C1'"  sing N N 20  
5BU "C2'" "H2'"  sing N N 21  
5BU "O2'" "HO2'" sing N N 22  
5BU "C1'" N1     sing N N 23  
5BU "C1'" "H1'"  sing N N 24  
5BU N1    C2     sing N N 25  
5BU N1    C6     sing N N 26  
5BU C2    O2     doub N N 27  
5BU C2    N3     sing N N 28  
5BU N3    C4     sing N N 29  
5BU N3    H3     sing N N 30  
5BU C4    O4     doub N N 31  
5BU C4    C5     sing N N 32  
5BU C5    C6     doub N N 33  
5BU C5    BR     sing N N 34  
5BU C6    H6     sing N N 35  
A   OP3   P      sing N N 36  
A   OP3   HOP3   sing N N 37  
A   P     OP1    doub N N 38  
A   P     OP2    sing N N 39  
A   P     "O5'"  sing N N 40  
A   OP2   HOP2   sing N N 41  
A   "O5'" "C5'"  sing N N 42  
A   "C5'" "C4'"  sing N N 43  
A   "C5'" "H5'"  sing N N 44  
A   "C5'" "H5''" sing N N 45  
A   "C4'" "O4'"  sing N N 46  
A   "C4'" "C3'"  sing N N 47  
A   "C4'" "H4'"  sing N N 48  
A   "O4'" "C1'"  sing N N 49  
A   "C3'" "O3'"  sing N N 50  
A   "C3'" "C2'"  sing N N 51  
A   "C3'" "H3'"  sing N N 52  
A   "O3'" "HO3'" sing N N 53  
A   "C2'" "O2'"  sing N N 54  
A   "C2'" "C1'"  sing N N 55  
A   "C2'" "H2'"  sing N N 56  
A   "O2'" "HO2'" sing N N 57  
A   "C1'" N9     sing N N 58  
A   "C1'" "H1'"  sing N N 59  
A   N9    C8     sing Y N 60  
A   N9    C4     sing Y N 61  
A   C8    N7     doub Y N 62  
A   C8    H8     sing N N 63  
A   N7    C5     sing Y N 64  
A   C5    C6     sing Y N 65  
A   C5    C4     doub Y N 66  
A   C6    N6     sing N N 67  
A   C6    N1     doub Y N 68  
A   N6    H61    sing N N 69  
A   N6    H62    sing N N 70  
A   N1    C2     sing Y N 71  
A   C2    N3     doub Y N 72  
A   C2    H2     sing N N 73  
A   N3    C4     sing Y N 74  
C   OP3   P      sing N N 75  
C   OP3   HOP3   sing N N 76  
C   P     OP1    doub N N 77  
C   P     OP2    sing N N 78  
C   P     "O5'"  sing N N 79  
C   OP2   HOP2   sing N N 80  
C   "O5'" "C5'"  sing N N 81  
C   "C5'" "C4'"  sing N N 82  
C   "C5'" "H5'"  sing N N 83  
C   "C5'" "H5''" sing N N 84  
C   "C4'" "O4'"  sing N N 85  
C   "C4'" "C3'"  sing N N 86  
C   "C4'" "H4'"  sing N N 87  
C   "O4'" "C1'"  sing N N 88  
C   "C3'" "O3'"  sing N N 89  
C   "C3'" "C2'"  sing N N 90  
C   "C3'" "H3'"  sing N N 91  
C   "O3'" "HO3'" sing N N 92  
C   "C2'" "O2'"  sing N N 93  
C   "C2'" "C1'"  sing N N 94  
C   "C2'" "H2'"  sing N N 95  
C   "O2'" "HO2'" sing N N 96  
C   "C1'" N1     sing N N 97  
C   "C1'" "H1'"  sing N N 98  
C   N1    C2     sing N N 99  
C   N1    C6     sing N N 100 
C   C2    O2     doub N N 101 
C   C2    N3     sing N N 102 
C   N3    C4     doub N N 103 
C   C4    N4     sing N N 104 
C   C4    C5     sing N N 105 
C   N4    H41    sing N N 106 
C   N4    H42    sing N N 107 
C   C5    C6     doub N N 108 
C   C5    H5     sing N N 109 
C   C6    H6     sing N N 110 
G   OP3   P      sing N N 111 
G   OP3   HOP3   sing N N 112 
G   P     OP1    doub N N 113 
G   P     OP2    sing N N 114 
G   P     "O5'"  sing N N 115 
G   OP2   HOP2   sing N N 116 
G   "O5'" "C5'"  sing N N 117 
G   "C5'" "C4'"  sing N N 118 
G   "C5'" "H5'"  sing N N 119 
G   "C5'" "H5''" sing N N 120 
G   "C4'" "O4'"  sing N N 121 
G   "C4'" "C3'"  sing N N 122 
G   "C4'" "H4'"  sing N N 123 
G   "O4'" "C1'"  sing N N 124 
G   "C3'" "O3'"  sing N N 125 
G   "C3'" "C2'"  sing N N 126 
G   "C3'" "H3'"  sing N N 127 
G   "O3'" "HO3'" sing N N 128 
G   "C2'" "O2'"  sing N N 129 
G   "C2'" "C1'"  sing N N 130 
G   "C2'" "H2'"  sing N N 131 
G   "O2'" "HO2'" sing N N 132 
G   "C1'" N9     sing N N 133 
G   "C1'" "H1'"  sing N N 134 
G   N9    C8     sing Y N 135 
G   N9    C4     sing Y N 136 
G   C8    N7     doub Y N 137 
G   C8    H8     sing N N 138 
G   N7    C5     sing Y N 139 
G   C5    C6     sing N N 140 
G   C5    C4     doub Y N 141 
G   C6    O6     doub N N 142 
G   C6    N1     sing N N 143 
G   N1    C2     sing N N 144 
G   N1    H1     sing N N 145 
G   C2    N2     sing N N 146 
G   C2    N3     doub N N 147 
G   N2    H21    sing N N 148 
G   N2    H22    sing N N 149 
G   N3    C4     sing N N 150 
HOH O     H1     sing N N 151 
HOH O     H2     sing N N 152 
NCO CO    N1     sing N N 153 
NCO CO    N2     sing N N 154 
NCO CO    N3     sing N N 155 
NCO CO    N4     sing N N 156 
NCO CO    N5     sing N N 157 
NCO CO    N6     sing N N 158 
NCO N1    HN11   sing N N 159 
NCO N1    HN12   sing N N 160 
NCO N1    HN13   sing N N 161 
NCO N2    HN21   sing N N 162 
NCO N2    HN22   sing N N 163 
NCO N2    HN23   sing N N 164 
NCO N3    HN31   sing N N 165 
NCO N3    HN32   sing N N 166 
NCO N3    HN33   sing N N 167 
NCO N4    HN41   sing N N 168 
NCO N4    HN42   sing N N 169 
NCO N4    HN43   sing N N 170 
NCO N5    HN51   sing N N 171 
NCO N5    HN52   sing N N 172 
NCO N5    HN53   sing N N 173 
NCO N6    HN61   sing N N 174 
NCO N6    HN62   sing N N 175 
NCO N6    HN63   sing N N 176 
U   OP3   P      sing N N 177 
U   OP3   HOP3   sing N N 178 
U   P     OP1    doub N N 179 
U   P     OP2    sing N N 180 
U   P     "O5'"  sing N N 181 
U   OP2   HOP2   sing N N 182 
U   "O5'" "C5'"  sing N N 183 
U   "C5'" "C4'"  sing N N 184 
U   "C5'" "H5'"  sing N N 185 
U   "C5'" "H5''" sing N N 186 
U   "C4'" "O4'"  sing N N 187 
U   "C4'" "C3'"  sing N N 188 
U   "C4'" "H4'"  sing N N 189 
U   "O4'" "C1'"  sing N N 190 
U   "C3'" "O3'"  sing N N 191 
U   "C3'" "C2'"  sing N N 192 
U   "C3'" "H3'"  sing N N 193 
U   "O3'" "HO3'" sing N N 194 
U   "C2'" "O2'"  sing N N 195 
U   "C2'" "C1'"  sing N N 196 
U   "C2'" "H2'"  sing N N 197 
U   "O2'" "HO2'" sing N N 198 
U   "C1'" N1     sing N N 199 
U   "C1'" "H1'"  sing N N 200 
U   N1    C2     sing N N 201 
U   N1    C6     sing N N 202 
U   C2    O2     doub N N 203 
U   C2    N3     sing N N 204 
U   N3    C4     sing N N 205 
U   N3    H3     sing N N 206 
U   C4    O4     doub N N 207 
U   C4    C5     sing N N 208 
U   C5    C6     doub N N 209 
U   C5    H5     sing N N 210 
U   C6    H6     sing N N 211 
# 
loop_
_ndb_struct_conf_na.entry_id 
_ndb_struct_conf_na.feature 
3BNT 'double helix'         
3BNT 'a-form double helix'  
3BNT 'bulge loop'           
3BNT 'mismatched base pair' 
# 
loop_
_ndb_struct_na_base_pair.model_number 
_ndb_struct_na_base_pair.i_label_asym_id 
_ndb_struct_na_base_pair.i_label_comp_id 
_ndb_struct_na_base_pair.i_label_seq_id 
_ndb_struct_na_base_pair.i_symmetry 
_ndb_struct_na_base_pair.j_label_asym_id 
_ndb_struct_na_base_pair.j_label_comp_id 
_ndb_struct_na_base_pair.j_label_seq_id 
_ndb_struct_na_base_pair.j_symmetry 
_ndb_struct_na_base_pair.shear 
_ndb_struct_na_base_pair.stretch 
_ndb_struct_na_base_pair.stagger 
_ndb_struct_na_base_pair.buckle 
_ndb_struct_na_base_pair.propeller 
_ndb_struct_na_base_pair.opening 
_ndb_struct_na_base_pair.pair_number 
_ndb_struct_na_base_pair.pair_name 
_ndb_struct_na_base_pair.i_auth_asym_id 
_ndb_struct_na_base_pair.i_auth_seq_id 
_ndb_struct_na_base_pair.i_PDB_ins_code 
_ndb_struct_na_base_pair.j_auth_asym_id 
_ndb_struct_na_base_pair.j_auth_seq_id 
_ndb_struct_na_base_pair.j_PDB_ins_code 
_ndb_struct_na_base_pair.hbond_type_28 
_ndb_struct_na_base_pair.hbond_type_12 
1 A G   2  1_555 A C   22 4_665 -0.111 -0.187 0.435  -3.418  -6.945  2.942   1  A_G2:C22_A    A 2  ? A 22 ? 19 1 
1 A C   3  1_555 A G   21 4_665 0.228  -0.318 0.413  2.866   -10.834 0.860   2  A_C3:G21_A    A 3  ? A 21 ? 19 1 
1 A G   4  1_555 A C   20 4_665 -0.313 0.055  0.072  -1.390  -15.626 5.804   3  A_G4:C20_A    A 4  ? A 20 ? 19 1 
1 A U   5  1_555 A U   19 4_665 2.480  -1.830 0.047  -12.401 -18.824 6.922   4  A_U5:U19_A    A 5  ? A 19 ? 16 1 
1 A C   6  1_555 A G   18 4_665 0.115  -0.297 0.247  -15.357 -11.402 0.065   5  A_C6:G18_A    A 6  ? A 18 ? 19 1 
1 A A   7  1_555 A A   17 4_665 2.561  1.391  0.013  -23.552 5.043   -20.207 6  A_A7:A17_A    A 7  ? A 17 ? ?  ? 
1 A C   8  1_555 A C   15 4_665 -4.594 -1.924 0.541  5.357   -10.423 4.999   7  A_C8:C15_A    A 8  ? A 15 ? ?  1 
1 A C   9  1_555 A G   14 4_665 0.333  -0.199 0.233  3.335   -10.718 3.107   8  A_C9:G14_A    A 9  ? A 14 ? 19 1 
1 A 5BU 10 1_555 A A   13 4_665 -0.483 -0.279 0.110  1.247   -12.218 2.040   9  A_5BU10:A13_A A 10 ? A 13 ? 20 1 
1 A C   11 1_555 A G   12 4_665 0.093  -0.185 -0.343 8.410   -20.272 5.270   10 A_C11:G12_A   A 11 ? A 12 ? 19 1 
1 A G   12 1_555 A C   11 4_665 -0.093 -0.185 -0.343 -8.410  -20.272 5.270   11 A_G12:C11_A   A 12 ? A 11 ? 19 1 
1 A A   13 1_555 A 5BU 10 4_665 0.483  -0.279 0.110  -1.247  -12.218 2.040   12 A_A13:5BU10_A A 13 ? A 10 ? 20 1 
1 A G   14 1_555 A C   9  4_665 -0.333 -0.199 0.233  -3.335  -10.718 3.107   13 A_G14:C9_A    A 14 ? A 9  ? 19 1 
1 A C   15 1_555 A C   8  4_665 4.594  -1.924 0.541  -5.357  -10.423 4.999   14 A_C15:C8_A    A 15 ? A 8  ? ?  1 
1 A A   17 1_555 A A   7  4_665 -2.561 1.391  0.013  23.552  5.043   -20.207 15 A_A17:A7_A    A 17 ? A 7  ? ?  ? 
1 A G   18 1_555 A C   6  4_665 -0.115 -0.297 0.247  15.357  -11.402 0.065   16 A_G18:C6_A    A 18 ? A 6  ? 19 1 
1 A U   19 1_555 A U   5  4_665 -2.480 -1.830 0.047  12.401  -18.824 6.922   17 A_U19:U5_A    A 19 ? A 5  ? 16 1 
1 A C   20 1_555 A G   4  4_665 0.313  0.055  0.072  1.390   -15.626 5.804   18 A_C20:G4_A    A 20 ? A 4  ? 19 1 
1 A G   21 1_555 A C   3  4_665 -0.228 -0.318 0.413  -2.866  -10.834 0.860   19 A_G21:C3_A    A 21 ? A 3  ? 19 1 
1 A C   22 1_555 A G   2  4_665 0.111  -0.187 0.435  3.418   -6.945  2.942   20 A_C22:G2_A    A 22 ? A 2  ? 19 1 
# 
loop_
_ndb_struct_na_base_pair_step.model_number 
_ndb_struct_na_base_pair_step.i_label_asym_id_1 
_ndb_struct_na_base_pair_step.i_label_comp_id_1 
_ndb_struct_na_base_pair_step.i_label_seq_id_1 
_ndb_struct_na_base_pair_step.i_symmetry_1 
_ndb_struct_na_base_pair_step.j_label_asym_id_1 
_ndb_struct_na_base_pair_step.j_label_comp_id_1 
_ndb_struct_na_base_pair_step.j_label_seq_id_1 
_ndb_struct_na_base_pair_step.j_symmetry_1 
_ndb_struct_na_base_pair_step.i_label_asym_id_2 
_ndb_struct_na_base_pair_step.i_label_comp_id_2 
_ndb_struct_na_base_pair_step.i_label_seq_id_2 
_ndb_struct_na_base_pair_step.i_symmetry_2 
_ndb_struct_na_base_pair_step.j_label_asym_id_2 
_ndb_struct_na_base_pair_step.j_label_comp_id_2 
_ndb_struct_na_base_pair_step.j_label_seq_id_2 
_ndb_struct_na_base_pair_step.j_symmetry_2 
_ndb_struct_na_base_pair_step.shift 
_ndb_struct_na_base_pair_step.slide 
_ndb_struct_na_base_pair_step.rise 
_ndb_struct_na_base_pair_step.tilt 
_ndb_struct_na_base_pair_step.roll 
_ndb_struct_na_base_pair_step.twist 
_ndb_struct_na_base_pair_step.x_displacement 
_ndb_struct_na_base_pair_step.y_displacement 
_ndb_struct_na_base_pair_step.helical_rise 
_ndb_struct_na_base_pair_step.inclination 
_ndb_struct_na_base_pair_step.tip 
_ndb_struct_na_base_pair_step.helical_twist 
_ndb_struct_na_base_pair_step.step_number 
_ndb_struct_na_base_pair_step.step_name 
_ndb_struct_na_base_pair_step.i_auth_asym_id_1 
_ndb_struct_na_base_pair_step.i_auth_seq_id_1 
_ndb_struct_na_base_pair_step.i_PDB_ins_code_1 
_ndb_struct_na_base_pair_step.j_auth_asym_id_1 
_ndb_struct_na_base_pair_step.j_auth_seq_id_1 
_ndb_struct_na_base_pair_step.j_PDB_ins_code_1 
_ndb_struct_na_base_pair_step.i_auth_asym_id_2 
_ndb_struct_na_base_pair_step.i_auth_seq_id_2 
_ndb_struct_na_base_pair_step.i_PDB_ins_code_2 
_ndb_struct_na_base_pair_step.j_auth_asym_id_2 
_ndb_struct_na_base_pair_step.j_auth_seq_id_2 
_ndb_struct_na_base_pair_step.j_PDB_ins_code_2 
1 A G   2  1_555 A C   22 4_665 A C   3  1_555 A G   21 4_665 -0.256 -1.582 3.040 0.169   2.350  32.631 -3.179 0.481  2.921  4.175 
-0.300  32.714 1  AA_G2C3:G21C22_AA     A 2  ? A 22 ? A 3  ? A 21 ? 
1 A C   3  1_555 A G   21 4_665 A G   4  1_555 A C   20 4_665 0.608  -1.917 3.120 2.117   10.433 24.690 -6.403 -0.848 2.186  
23.075 -4.682  26.855 2  AA_C3G4:C20G21_AA     A 3  ? A 21 ? A 4  ? A 20 ? 
1 A G   4  1_555 A C   20 4_665 A U   5  1_555 A U   19 4_665 -0.089 -0.944 3.572 1.678   3.707  50.335 -1.392 0.233  3.494  4.350 
-1.970  50.488 3  AA_G4U5:U19C20_AA     A 4  ? A 20 ? A 5  ? A 19 ? 
1 A U   5  1_555 A U   19 4_665 A C   6  1_555 A G   18 4_665 0.050  -1.885 2.830 6.118   10.613 30.140 -4.810 0.740  2.039  
19.431 -11.201 32.481 4  AA_U5C6:G18U19_AA     A 5  ? A 19 ? A 6  ? A 18 ? 
1 A C   6  1_555 A G   18 4_665 A A   7  1_555 A A   17 4_665 -1.119 -1.573 3.270 7.771   8.188  39.508 -3.068 2.379  2.649  
11.823 -11.220 41.028 5  AA_C6A7:A17G18_AA     A 6  ? A 18 ? A 7  ? A 17 ? 
1 A A   7  1_555 A A   17 4_665 A C   8  1_555 A C   15 4_665 4.555  0.005  3.310 -19.505 23.565 20.902 -1.786 -8.680 -0.481 
43.482 35.990  36.908 6  AA_A7C8:C15A17_AA     A 7  ? A 17 ? A 8  ? A 15 ? 
1 A C   8  1_555 A C   15 4_665 A C   9  1_555 A G   14 4_665 0.196  -0.588 3.370 0.126   7.384  54.840 -1.076 -0.204 3.273  7.977 
-0.136  55.297 7  AA_C8C9:G14C15_AA     A 8  ? A 15 ? A 9  ? A 14 ? 
1 A C   9  1_555 A G   14 4_665 A 5BU 10 1_555 A A   13 4_665 -1.018 -1.995 3.179 -2.305  6.716  24.782 -6.181 1.699  2.638  
15.254 5.234   25.764 8  AA_C95BU10:A13G14_AA  A 9  ? A 14 ? A 10 ? A 13 ? 
1 A 5BU 10 1_555 A A   13 4_665 A C   11 1_555 A G   12 4_665 -0.122 -1.087 3.005 1.420   2.271  33.488 -2.218 0.422  2.920  3.933 
-2.460  33.592 9  AA_5BU10C11:G12A13_AA A 10 ? A 13 ? A 11 ? A 12 ? 
1 A C   11 1_555 A G   12 4_665 A G   12 1_555 A C   11 4_665 0.000  -1.387 3.644 0.000   13.708 35.195 -3.996 0.000  2.922  
21.682 0.000   37.692 10 AA_C11G12:C11G12_AA   A 11 ? A 12 ? A 12 ? A 11 ? 
1 A G   12 1_555 A C   11 4_665 A A   13 1_555 A 5BU 10 4_665 0.122  -1.087 3.005 -1.420  2.271  33.488 -2.218 -0.422 2.920  3.933 
2.460   33.592 11 AA_G12A13:5BU10C11_AA A 12 ? A 11 ? A 13 ? A 10 ? 
1 A A   13 1_555 A 5BU 10 4_665 A G   14 1_555 A C   9  4_665 1.018  -1.995 3.179 2.305   6.716  24.782 -6.181 -1.699 2.638  
15.254 -5.234  25.764 12 AA_A13G14:C95BU10_AA  A 13 ? A 10 ? A 14 ? A 9  ? 
1 A G   14 1_555 A C   9  4_665 A C   15 1_555 A C   8  4_665 -0.196 -0.588 3.370 -0.126  7.384  54.840 -1.076 0.204  3.273  7.977 
0.136   55.297 13 AA_G14C15:C8C9_AA     A 14 ? A 9  ? A 15 ? A 8  ? 
1 A C   15 1_555 A C   8  4_665 A A   17 1_555 A A   7  4_665 -4.555 0.005  3.310 19.505  23.565 20.902 -1.786 8.680  -0.481 
43.482 -35.990 36.908 14 AA_C15A17:A7C8_AA     A 15 ? A 8  ? A 17 ? A 7  ? 
1 A A   17 1_555 A A   7  4_665 A G   18 1_555 A C   6  4_665 1.119  -1.573 3.270 -7.771  8.188  39.508 -3.068 -2.379 2.649  
11.823 11.220  41.028 15 AA_A17G18:C6A7_AA     A 17 ? A 7  ? A 18 ? A 6  ? 
1 A G   18 1_555 A C   6  4_665 A U   19 1_555 A U   5  4_665 -0.050 -1.885 2.830 -6.118  10.613 30.140 -4.810 -0.740 2.039  
19.431 11.201  32.481 16 AA_G18U19:U5C6_AA     A 18 ? A 6  ? A 19 ? A 5  ? 
1 A U   19 1_555 A U   5  4_665 A C   20 1_555 A G   4  4_665 0.089  -0.944 3.572 -1.678  3.707  50.335 -1.392 -0.233 3.494  4.350 
1.970   50.488 17 AA_U19C20:G4U5_AA     A 19 ? A 5  ? A 20 ? A 4  ? 
1 A C   20 1_555 A G   4  4_665 A G   21 1_555 A C   3  4_665 -0.608 -1.917 3.120 -2.117  10.433 24.690 -6.403 0.848  2.186  
23.075 4.682   26.855 18 AA_C20G21:C3G4_AA     A 20 ? A 4  ? A 21 ? A 3  ? 
1 A G   21 1_555 A C   3  4_665 A C   22 1_555 A G   2  4_665 0.256  -1.582 3.040 -0.169  2.350  32.631 -3.179 -0.481 2.921  4.175 
0.300   32.714 19 AA_G21C22:G2C3_AA     A 21 ? A 3  ? A 22 ? A 2  ? 
# 
_atom_sites.entry_id                    3BNT 
_atom_sites.fract_transf_matrix[1][1]   0.01479176 
_atom_sites.fract_transf_matrix[1][2]   0.00294098 
_atom_sites.fract_transf_matrix[1][3]   -0.00323090 
_atom_sites.fract_transf_matrix[2][1]   0.00825184 
_atom_sites.fract_transf_matrix[2][2]   0.00914306 
_atom_sites.fract_transf_matrix[2][3]   0.00928501 
_atom_sites.fract_transf_matrix[3][1]   0.01224344 
_atom_sites.fract_transf_matrix[3][2]   -0.03532187 
_atom_sites.fract_transf_matrix[3][3]   0.02390082 
_atom_sites.fract_transf_vector[1]      0.529531 
_atom_sites.fract_transf_vector[2]      0.512212 
_atom_sites.fract_transf_vector[3]      0.546251 
# 
loop_
_atom_type.symbol 
BR 
C  
CO 
N  
NA 
O  
P  
# 
loop_
_atom_site.group_PDB 
_atom_site.id 
_atom_site.type_symbol 
_atom_site.label_atom_id 
_atom_site.label_alt_id 
_atom_site.label_comp_id 
_atom_site.label_asym_id 
_atom_site.label_entity_id 
_atom_site.label_seq_id 
_atom_site.pdbx_PDB_ins_code 
_atom_site.Cartn_x 
_atom_site.Cartn_y 
_atom_site.Cartn_z 
_atom_site.occupancy 
_atom_site.B_iso_or_equiv 
_atom_site.pdbx_formal_charge 
_atom_site.auth_seq_id 
_atom_site.auth_comp_id 
_atom_site.auth_asym_id 
_atom_site.auth_atom_id 
_atom_site.pdbx_PDB_model_num 
ATOM   1   O  "O5'" . C   A 1 1  ? -29.517 -10.113 -1.616  1.00 52.98 ? 1  C   A "O5'" 1 
ATOM   2   C  "C5'" . C   A 1 1  ? -29.893 -10.023 -2.989  1.00 50.16 ? 1  C   A "C5'" 1 
ATOM   3   C  "C4'" . C   A 1 1  ? -30.535 -8.696  -3.320  1.00 52.37 ? 1  C   A "C4'" 1 
ATOM   4   O  "O4'" . C   A 1 1  ? -31.659 -8.474  -2.426  1.00 53.24 ? 1  C   A "O4'" 1 
ATOM   5   C  "C3'" . C   A 1 1  ? -29.671 -7.460  -3.122  1.00 52.51 ? 1  C   A "C3'" 1 
ATOM   6   O  "O3'" . C   A 1 1  ? -28.838 -7.213  -4.244  1.00 53.36 ? 1  C   A "O3'" 1 
ATOM   7   C  "C2'" . C   A 1 1  ? -30.720 -6.371  -2.977  1.00 52.15 ? 1  C   A "C2'" 1 
ATOM   8   O  "O2'" . C   A 1 1  ? -31.279 -5.976  -4.213  1.00 53.30 ? 1  C   A "O2'" 1 
ATOM   9   C  "C1'" . C   A 1 1  ? -31.774 -7.089  -2.138  1.00 51.38 ? 1  C   A "C1'" 1 
ATOM   10  N  N1    . C   A 1 1  ? -31.553 -6.889  -0.701  1.00 50.22 ? 1  C   A N1    1 
ATOM   11  C  C2    . C   A 1 1  ? -31.883 -5.648  -0.144  1.00 49.39 ? 1  C   A C2    1 
ATOM   12  O  O2    . C   A 1 1  ? -32.367 -4.771  -0.880  1.00 44.15 ? 1  C   A O2    1 
ATOM   13  N  N3    . C   A 1 1  ? -31.667 -5.436  1.174   1.00 49.29 ? 1  C   A N3    1 
ATOM   14  C  C4    . C   A 1 1  ? -31.146 -6.408  1.929   1.00 49.72 ? 1  C   A C4    1 
ATOM   15  N  N4    . C   A 1 1  ? -30.950 -6.153  3.222   1.00 48.04 ? 1  C   A N4    1 
ATOM   16  C  C5    . C   A 1 1  ? -30.805 -7.686  1.388   1.00 50.71 ? 1  C   A C5    1 
ATOM   17  C  C6    . C   A 1 1  ? -31.027 -7.881  0.081   1.00 49.50 ? 1  C   A C6    1 
ATOM   18  P  P     . G   A 1 2  ? -27.483 -6.377  -4.053  1.00 53.76 ? 2  G   A P     1 
ATOM   19  O  OP1   . G   A 1 2  ? -26.937 -6.076  -5.399  1.00 55.41 ? 2  G   A OP1   1 
ATOM   20  O  OP2   . G   A 1 2  ? -26.639 -7.075  -3.053  1.00 53.21 ? 2  G   A OP2   1 
ATOM   21  O  "O5'" . G   A 1 2  ? -27.970 -5.002  -3.427  1.00 53.60 ? 2  G   A "O5'" 1 
ATOM   22  C  "C5'" . G   A 1 2  ? -28.578 -4.009  -4.240  1.00 50.47 ? 2  G   A "C5'" 1 
ATOM   23  C  "C4'" . G   A 1 2  ? -28.822 -2.770  -3.426  1.00 49.61 ? 2  G   A "C4'" 1 
ATOM   24  O  "O4'" . G   A 1 2  ? -29.693 -3.122  -2.314  1.00 47.23 ? 2  G   A "O4'" 1 
ATOM   25  C  "C3'" . G   A 1 2  ? -27.585 -2.201  -2.749  1.00 48.63 ? 2  G   A "C3'" 1 
ATOM   26  O  "O3'" . G   A 1 2  ? -26.838 -1.356  -3.621  1.00 45.78 ? 2  G   A "O3'" 1 
ATOM   27  C  "C2'" . G   A 1 2  ? -28.202 -1.436  -1.589  1.00 46.86 ? 2  G   A "C2'" 1 
ATOM   28  O  "O2'" . G   A 1 2  ? -28.785 -0.225  -2.017  1.00 50.60 ? 2  G   A "O2'" 1 
ATOM   29  C  "C1'" . G   A 1 2  ? -29.309 -2.397  -1.160  1.00 46.03 ? 2  G   A "C1'" 1 
ATOM   30  N  N9    . G   A 1 2  ? -28.888 -3.347  -0.133  1.00 44.54 ? 2  G   A N9    1 
ATOM   31  C  C8    . G   A 1 2  ? -28.602 -4.684  -0.289  1.00 43.74 ? 2  G   A C8    1 
ATOM   32  N  N7    . G   A 1 2  ? -28.246 -5.267  0.827   1.00 41.32 ? 2  G   A N7    1 
ATOM   33  C  C5    . G   A 1 2  ? -28.303 -4.255  1.777   1.00 41.24 ? 2  G   A C5    1 
ATOM   34  C  C6    . G   A 1 2  ? -28.027 -4.278  3.174   1.00 39.89 ? 2  G   A C6    1 
ATOM   35  O  O6    . G   A 1 2  ? -27.676 -5.234  3.879   1.00 42.22 ? 2  G   A O6    1 
ATOM   36  N  N1    . G   A 1 2  ? -28.198 -3.023  3.748   1.00 37.13 ? 2  G   A N1    1 
ATOM   37  C  C2    . G   A 1 2  ? -28.585 -1.894  3.076   1.00 37.48 ? 2  G   A C2    1 
ATOM   38  N  N2    . G   A 1 2  ? -28.671 -0.775  3.805   1.00 38.52 ? 2  G   A N2    1 
ATOM   39  N  N3    . G   A 1 2  ? -28.860 -1.859  1.785   1.00 37.51 ? 2  G   A N3    1 
ATOM   40  C  C4    . G   A 1 2  ? -28.697 -3.065  1.201   1.00 42.22 ? 2  G   A C4    1 
ATOM   41  P  P     . C   A 1 3  ? -25.255 -1.172  -3.386  1.00 46.13 ? 3  C   A P     1 
ATOM   42  O  OP1   . C   A 1 3  ? -24.706 -0.425  -4.543  1.00 48.30 ? 3  C   A OP1   1 
ATOM   43  O  OP2   . C   A 1 3  ? -24.683 -2.493  -3.025  1.00 49.20 ? 3  C   A OP2   1 
ATOM   44  O  "O5'" . C   A 1 3  ? -25.153 -0.233  -2.104  1.00 48.03 ? 3  C   A "O5'" 1 
ATOM   45  C  "C5'" . C   A 1 3  ? -25.738 1.064   -2.107  1.00 48.02 ? 3  C   A "C5'" 1 
ATOM   46  C  "C4'" . C   A 1 3  ? -25.694 1.661   -0.723  1.00 46.90 ? 3  C   A "C4'" 1 
ATOM   47  O  "O4'" . C   A 1 3  ? -26.533 0.882   0.170   1.00 46.16 ? 3  C   A "O4'" 1 
ATOM   48  C  "C3'" . C   A 1 3  ? -24.339 1.655   -0.039  1.00 43.81 ? 3  C   A "C3'" 1 
ATOM   49  O  "O3'" . C   A 1 3  ? -23.551 2.757   -0.453  1.00 44.70 ? 3  C   A "O3'" 1 
ATOM   50  C  "C2'" . C   A 1 3  ? -24.735 1.790   1.424   1.00 42.35 ? 3  C   A "C2'" 1 
ATOM   51  O  "O2'" . C   A 1 3  ? -25.081 3.113   1.769   1.00 38.75 ? 3  C   A "O2'" 1 
ATOM   52  C  "C1'" . C   A 1 3  ? -25.979 0.904   1.475   1.00 43.83 ? 3  C   A "C1'" 1 
ATOM   53  N  N1    . C   A 1 3  ? -25.655 -0.476  1.872   1.00 44.34 ? 3  C   A N1    1 
ATOM   54  C  C2    . C   A 1 3  ? -25.473 -0.752  3.229   1.00 43.11 ? 3  C   A C2    1 
ATOM   55  O  O2    . C   A 1 3  ? -25.607 0.172   4.050   1.00 41.50 ? 3  C   A O2    1 
ATOM   56  N  N3    . C   A 1 3  ? -25.158 -2.010  3.613   1.00 41.83 ? 3  C   A N3    1 
ATOM   57  C  C4    . C   A 1 3  ? -25.035 -2.974  2.699   1.00 43.70 ? 3  C   A C4    1 
ATOM   58  N  N4    . C   A 1 3  ? -24.730 -4.204  3.126   1.00 42.13 ? 3  C   A N4    1 
ATOM   59  C  C5    . C   A 1 3  ? -25.220 -2.721  1.306   1.00 42.37 ? 3  C   A C5    1 
ATOM   60  C  C6    . C   A 1 3  ? -25.526 -1.471  0.941   1.00 42.72 ? 3  C   A C6    1 
ATOM   61  P  P     . G   A 1 4  ? -21.970 2.574   -0.643  1.00 46.55 ? 4  G   A P     1 
ATOM   62  O  OP1   . G   A 1 4  ? -21.477 3.855   -1.216  1.00 49.18 ? 4  G   A OP1   1 
ATOM   63  O  OP2   . G   A 1 4  ? -21.724 1.299   -1.365  1.00 50.03 ? 4  G   A OP2   1 
ATOM   64  O  "O5'" . G   A 1 4  ? -21.391 2.423   0.832   1.00 42.23 ? 4  G   A "O5'" 1 
ATOM   65  C  "C5'" . G   A 1 4  ? -21.356 3.540   1.700   1.00 41.39 ? 4  G   A "C5'" 1 
ATOM   66  C  "C4'" . G   A 1 4  ? -21.392 3.101   3.147   1.00 41.73 ? 4  G   A "C4'" 1 
ATOM   67  O  "O4'" . G   A 1 4  ? -22.412 2.082   3.335   1.00 37.15 ? 4  G   A "O4'" 1 
ATOM   68  C  "C3'" . G   A 1 4  ? -20.174 2.411   3.731   1.00 38.62 ? 4  G   A "C3'" 1 
ATOM   69  O  "O3'" . G   A 1 4  ? -19.128 3.317   4.045   1.00 40.80 ? 4  G   A "O3'" 1 
ATOM   70  C  "C2'" . G   A 1 4  ? -20.768 1.857   5.014   1.00 38.09 ? 4  G   A "C2'" 1 
ATOM   71  O  "O2'" . G   A 1 4  ? -20.977 2.878   5.965   1.00 39.86 ? 4  G   A "O2'" 1 
ATOM   72  C  "C1'" . G   A 1 4  ? -22.123 1.357   4.519   1.00 35.98 ? 4  G   A "C1'" 1 
ATOM   73  N  N9    . G   A 1 4  ? -22.081 -0.070  4.219   1.00 33.73 ? 4  G   A N9    1 
ATOM   74  C  C8    . G   A 1 4  ? -22.197 -0.683  2.996   1.00 32.52 ? 4  G   A C8    1 
ATOM   75  N  N7    . G   A 1 4  ? -22.100 -1.984  3.068   1.00 33.01 ? 4  G   A N7    1 
ATOM   76  C  C5    . G   A 1 4  ? -21.913 -2.243  4.422   1.00 29.84 ? 4  G   A C5    1 
ATOM   77  C  C6    . G   A 1 4  ? -21.750 -3.481  5.121   1.00 26.72 ? 4  G   A C6    1 
ATOM   78  O  O6    . G   A 1 4  ? -21.735 -4.634  4.670   1.00 25.01 ? 4  G   A O6    1 
ATOM   79  N  N1    . G   A 1 4  ? -21.591 -3.278  6.484   1.00 23.34 ? 4  G   A N1    1 
ATOM   80  C  C2    . G   A 1 4  ? -21.584 -2.057  7.106   1.00 26.71 ? 4  G   A C2    1 
ATOM   81  N  N2    . G   A 1 4  ? -21.383 -2.073  8.426   1.00 25.02 ? 4  G   A N2    1 
ATOM   82  N  N3    . G   A 1 4  ? -21.752 -0.903  6.476   1.00 28.73 ? 4  G   A N3    1 
ATOM   83  C  C4    . G   A 1 4  ? -21.903 -1.072  5.144   1.00 30.20 ? 4  G   A C4    1 
ATOM   84  P  P     . U   A 1 5  ? -17.662 2.749   4.376   1.00 40.96 ? 5  U   A P     1 
ATOM   85  O  OP1   . U   A 1 5  ? -16.822 3.880   4.844   1.00 41.75 ? 5  U   A OP1   1 
ATOM   86  O  OP2   . U   A 1 5  ? -17.218 1.926   3.221   1.00 42.32 ? 5  U   A OP2   1 
ATOM   87  O  "O5'" . U   A 1 5  ? -17.889 1.758   5.598   1.00 40.14 ? 5  U   A "O5'" 1 
ATOM   88  C  "C5'" . U   A 1 5  ? -17.848 2.216   6.941   1.00 37.43 ? 5  U   A "C5'" 1 
ATOM   89  C  "C4'" . U   A 1 5  ? -17.703 1.039   7.878   1.00 40.41 ? 5  U   A "C4'" 1 
ATOM   90  O  "O4'" . U   A 1 5  ? -18.757 0.081   7.587   1.00 38.12 ? 5  U   A "O4'" 1 
ATOM   91  C  "C3'" . U   A 1 5  ? -16.434 0.218   7.709   1.00 40.24 ? 5  U   A "C3'" 1 
ATOM   92  O  "O3'" . U   A 1 5  ? -15.357 0.784   8.431   1.00 44.09 ? 5  U   A "O3'" 1 
ATOM   93  C  "C2'" . U   A 1 5  ? -16.843 -1.114  8.307   1.00 39.57 ? 5  U   A "C2'" 1 
ATOM   94  O  "O2'" . U   A 1 5  ? -16.855 -1.090  9.719   1.00 39.47 ? 5  U   A "O2'" 1 
ATOM   95  C  "C1'" . U   A 1 5  ? -18.269 -1.240  7.779   1.00 38.75 ? 5  U   A "C1'" 1 
ATOM   96  N  N1    . U   A 1 5  ? -18.339 -1.947  6.493   1.00 34.37 ? 5  U   A N1    1 
ATOM   97  C  C2    . U   A 1 5  ? -18.318 -3.334  6.513   1.00 31.87 ? 5  U   A C2    1 
ATOM   98  O  O2    . U   A 1 5  ? -18.215 -3.982  7.536   1.00 29.75 ? 5  U   A O2    1 
ATOM   99  N  N3    . U   A 1 5  ? -18.426 -3.931  5.287   1.00 31.64 ? 5  U   A N3    1 
ATOM   100 C  C4    . U   A 1 5  ? -18.543 -3.305  4.067   1.00 33.62 ? 5  U   A C4    1 
ATOM   101 O  O4    . U   A 1 5  ? -18.685 -3.988  3.053   1.00 36.09 ? 5  U   A O4    1 
ATOM   102 C  C5    . U   A 1 5  ? -18.536 -1.875  4.126   1.00 36.47 ? 5  U   A C5    1 
ATOM   103 C  C6    . U   A 1 5  ? -18.434 -1.260  5.310   1.00 33.40 ? 5  U   A C6    1 
ATOM   104 P  P     . C   A 1 6  ? -13.863 0.618   7.881   1.00 45.63 ? 6  C   A P     1 
ATOM   105 O  OP1   . C   A 1 6  ? -13.034 1.619   8.602   1.00 48.02 ? 6  C   A OP1   1 
ATOM   106 O  OP2   . C   A 1 6  ? -13.903 0.618   6.399   1.00 43.03 ? 6  C   A OP2   1 
ATOM   107 O  "O5'" . C   A 1 6  ? -13.427 -0.826  8.383   1.00 45.47 ? 6  C   A "O5'" 1 
ATOM   108 C  "C5'" . C   A 1 6  ? -13.341 -1.106  9.772   1.00 43.22 ? 6  C   A "C5'" 1 
ATOM   109 C  "C4'" . C   A 1 6  ? -13.229 -2.591  9.993   1.00 42.75 ? 6  C   A "C4'" 1 
ATOM   110 O  "O4'" . C   A 1 6  ? -14.438 -3.245  9.520   1.00 39.62 ? 6  C   A "O4'" 1 
ATOM   111 C  "C3'" . C   A 1 6  ? -12.130 -3.275  9.202   1.00 42.14 ? 6  C   A "C3'" 1 
ATOM   112 O  "O3'" . C   A 1 6  ? -10.870 -3.119  9.835   1.00 42.43 ? 6  C   A "O3'" 1 
ATOM   113 C  "C2'" . C   A 1 6  ? -12.607 -4.720  9.206   1.00 39.86 ? 6  C   A "C2'" 1 
ATOM   114 O  "O2'" . C   A 1 6  ? -12.376 -5.362  10.444  1.00 41.14 ? 6  C   A "O2'" 1 
ATOM   115 C  "C1'" . C   A 1 6  ? -14.111 -4.529  9.012   1.00 37.14 ? 6  C   A "C1'" 1 
ATOM   116 N  N1    . C   A 1 6  ? -14.520 -4.586  7.600   1.00 35.52 ? 6  C   A N1    1 
ATOM   117 C  C2    . C   A 1 6  ? -14.787 -5.834  7.034   1.00 28.99 ? 6  C   A C2    1 
ATOM   118 O  O2    . C   A 1 6  ? -14.623 -6.849  7.722   1.00 31.07 ? 6  C   A O2    1 
ATOM   119 N  N3    . C   A 1 6  ? -15.207 -5.903  5.756   1.00 23.96 ? 6  C   A N3    1 
ATOM   120 C  C4    . C   A 1 6  ? -15.357 -4.788  5.042   1.00 24.52 ? 6  C   A C4    1 
ATOM   121 N  N4    . C   A 1 6  ? -15.816 -4.908  3.795   1.00 24.79 ? 6  C   A N4    1 
ATOM   122 C  C5    . C   A 1 6  ? -15.057 -3.502  5.578   1.00 24.75 ? 6  C   A C5    1 
ATOM   123 C  C6    . C   A 1 6  ? -14.648 -3.447  6.851   1.00 30.50 ? 6  C   A C6    1 
ATOM   124 P  P     . A   A 1 7  ? -9.530  -3.212  8.959   1.00 44.49 ? 7  A   A P     1 
ATOM   125 O  OP1   . A   A 1 7  ? -8.417  -2.832  9.865   1.00 43.53 ? 7  A   A OP1   1 
ATOM   126 O  OP2   . A   A 1 7  ? -9.716  -2.485  7.677   1.00 39.64 ? 7  A   A OP2   1 
ATOM   127 O  "O5'" . A   A 1 7  ? -9.416  -4.767  8.634   1.00 40.30 ? 7  A   A "O5'" 1 
ATOM   128 C  "C5'" . A   A 1 7  ? -9.240  -5.708  9.682   1.00 36.72 ? 7  A   A "C5'" 1 
ATOM   129 C  "C4'" . A   A 1 7  ? -9.263  -7.110  9.136   1.00 33.26 ? 7  A   A "C4'" 1 
ATOM   130 O  "O4'" . A   A 1 7  ? -10.621 -7.481  8.778   1.00 32.75 ? 7  A   A "O4'" 1 
ATOM   131 C  "C3'" . A   A 1 7  ? -8.490  -7.317  7.849   1.00 33.80 ? 7  A   A "C3'" 1 
ATOM   132 O  "O3'" . A   A 1 7  ? -7.096  -7.446  8.075   1.00 31.38 ? 7  A   A "O3'" 1 
ATOM   133 C  "C2'" . A   A 1 7  ? -9.128  -8.591  7.325   1.00 31.83 ? 7  A   A "C2'" 1 
ATOM   134 O  "O2'" . A   A 1 7  ? -8.722  -9.738  8.051   1.00 35.58 ? 7  A   A "O2'" 1 
ATOM   135 C  "C1'" . A   A 1 7  ? -10.597 -8.305  7.623   1.00 31.52 ? 7  A   A "C1'" 1 
ATOM   136 N  N9    . A   A 1 7  ? -11.216 -7.569  6.525   1.00 29.99 ? 7  A   A N9    1 
ATOM   137 C  C8    . A   A 1 7  ? -11.315 -6.207  6.360   1.00 26.47 ? 7  A   A C8    1 
ATOM   138 N  N7    . A   A 1 7  ? -11.888 -5.852  5.238   1.00 27.17 ? 7  A   A N7    1 
ATOM   139 C  C5    . A   A 1 7  ? -12.202 -7.060  4.627   1.00 26.66 ? 7  A   A C5    1 
ATOM   140 C  C6    . A   A 1 7  ? -12.829 -7.369  3.408   1.00 24.69 ? 7  A   A C6    1 
ATOM   141 N  N6    . A   A 1 7  ? -13.269 -6.450  2.551   1.00 26.98 ? 7  A   A N6    1 
ATOM   142 N  N1    . A   A 1 7  ? -12.987 -8.674  3.096   1.00 25.16 ? 7  A   A N1    1 
ATOM   143 C  C2    . A   A 1 7  ? -12.544 -9.600  3.957   1.00 23.43 ? 7  A   A C2    1 
ATOM   144 N  N3    . A   A 1 7  ? -11.944 -9.434  5.137   1.00 25.46 ? 7  A   A N3    1 
ATOM   145 C  C4    . A   A 1 7  ? -11.802 -8.125  5.414   1.00 28.12 ? 7  A   A C4    1 
ATOM   146 P  P     . C   A 1 8  ? -6.076  -6.956  6.949   1.00 29.41 ? 8  C   A P     1 
ATOM   147 O  OP1   . C   A 1 8  ? -4.702  -7.144  7.470   1.00 31.14 ? 8  C   A OP1   1 
ATOM   148 O  OP2   . C   A 1 8  ? -6.496  -5.626  6.448   1.00 31.94 ? 8  C   A OP2   1 
ATOM   149 O  "O5'" . C   A 1 8  ? -6.304  -8.002  5.773   1.00 30.11 ? 8  C   A "O5'" 1 
ATOM   150 C  "C5'" . C   A 1 8  ? -6.113  -9.390  5.997   1.00 26.67 ? 8  C   A "C5'" 1 
ATOM   151 C  "C4'" . C   A 1 8  ? -6.542  -10.164 4.790   1.00 26.50 ? 8  C   A "C4'" 1 
ATOM   152 O  "O4'" . C   A 1 8  ? -7.963  -9.952  4.580   1.00 27.60 ? 8  C   A "O4'" 1 
ATOM   153 C  "C3'" . C   A 1 8  ? -5.927  -9.706  3.479   1.00 26.93 ? 8  C   A "C3'" 1 
ATOM   154 O  "O3'" . C   A 1 8  ? -4.635  -10.255 3.281   1.00 27.54 ? 8  C   A "O3'" 1 
ATOM   155 C  "C2'" . C   A 1 8  ? -6.915  -10.273 2.481   1.00 25.99 ? 8  C   A "C2'" 1 
ATOM   156 O  "O2'" . C   A 1 8  ? -6.736  -11.659 2.326   1.00 28.48 ? 8  C   A "O2'" 1 
ATOM   157 C  "C1'" . C   A 1 8  ? -8.239  -9.997  3.194   1.00 27.34 ? 8  C   A "C1'" 1 
ATOM   158 N  N1    . C   A 1 8  ? -8.814  -8.708  2.772   1.00 28.30 ? 8  C   A N1    1 
ATOM   159 C  C2    . C   A 1 8  ? -9.383  -8.645  1.514   1.00 24.24 ? 8  C   A C2    1 
ATOM   160 O  O2    . C   A 1 8  ? -9.412  -9.679  0.829   1.00 26.62 ? 8  C   A O2    1 
ATOM   161 N  N3    . C   A 1 8  ? -9.892  -7.477  1.071   1.00 26.04 ? 8  C   A N3    1 
ATOM   162 C  C4    . C   A 1 8  ? -9.862  -6.397  1.850   1.00 26.46 ? 8  C   A C4    1 
ATOM   163 N  N4    . C   A 1 8  ? -10.383 -5.264  1.361   1.00 23.46 ? 8  C   A N4    1 
ATOM   164 C  C5    . C   A 1 8  ? -9.298  -6.431  3.161   1.00 26.07 ? 8  C   A C5    1 
ATOM   165 C  C6    . C   A 1 8  ? -8.786  -7.601  3.577   1.00 27.27 ? 8  C   A C6    1 
ATOM   166 P  P     . C   A 1 9  ? -3.427  -9.304  2.817   1.00 24.49 ? 9  C   A P     1 
ATOM   167 O  OP1   . C   A 1 9  ? -2.185  -10.104 2.930   1.00 29.18 ? 9  C   A OP1   1 
ATOM   168 O  OP2   . C   A 1 9  ? -3.528  -8.007  3.534   1.00 25.89 ? 9  C   A OP2   1 
ATOM   169 O  "O5'" . C   A 1 9  ? -3.718  -9.052  1.280   1.00 26.33 ? 9  C   A "O5'" 1 
ATOM   170 C  "C5'" . C   A 1 9  ? -3.782  -10.138 0.366   1.00 22.13 ? 9  C   A "C5'" 1 
ATOM   171 C  "C4'" . C   A 1 9  ? -4.568  -9.733  -0.853  1.00 22.72 ? 9  C   A "C4'" 1 
ATOM   172 O  "O4'" . C   A 1 9  ? -5.901  -9.335  -0.439  1.00 21.08 ? 9  C   A "O4'" 1 
ATOM   173 C  "C3'" . C   A 1 9  ? -4.043  -8.508  -1.582  1.00 22.25 ? 9  C   A "C3'" 1 
ATOM   174 O  "O3'" . C   A 1 9  ? -3.003  -8.875  -2.470  1.00 24.35 ? 9  C   A "O3'" 1 
ATOM   175 C  "C2'" . C   A 1 9  ? -5.287  -8.035  -2.316  1.00 20.56 ? 9  C   A "C2'" 1 
ATOM   176 O  "O2'" . C   A 1 9  ? -5.593  -8.835  -3.427  1.00 21.15 ? 9  C   A "O2'" 1 
ATOM   177 C  "C1'" . C   A 1 9  ? -6.358  -8.267  -1.257  1.00 23.19 ? 9  C   A "C1'" 1 
ATOM   178 N  N1    . C   A 1 9  ? -6.593  -7.079  -0.412  1.00 22.91 ? 9  C   A N1    1 
ATOM   179 C  C2    . C   A 1 9  ? -7.316  -6.007  -0.954  1.00 19.74 ? 9  C   A C2    1 
ATOM   180 O  O2    . C   A 1 9  ? -7.720  -6.089  -2.117  1.00 22.42 ? 9  C   A O2    1 
ATOM   181 N  N3    . C   A 1 9  ? -7.554  -4.914  -0.196  1.00 20.83 ? 9  C   A N3    1 
ATOM   182 C  C4    . C   A 1 9  ? -7.103  -4.865  1.062   1.00 21.43 ? 9  C   A C4    1 
ATOM   183 N  N4    . C   A 1 9  ? -7.381  -3.776  1.782   1.00 12.95 ? 9  C   A N4    1 
ATOM   184 C  C5    . C   A 1 9  ? -6.352  -5.937  1.639   1.00 19.75 ? 9  C   A C5    1 
ATOM   185 C  C6    . C   A 1 9  ? -6.123  -7.016  0.871   1.00 22.11 ? 9  C   A C6    1 
HETATM 186 P  P     . 5BU A 1 10 ? -1.987  -7.761  -3.026  1.00 24.02 ? 10 5BU A P     1 
HETATM 187 O  OP1   . 5BU A 1 10 ? -0.970  -8.523  -3.786  1.00 28.02 ? 10 5BU A OP1   1 
HETATM 188 O  OP2   . 5BU A 1 10 ? -1.551  -6.841  -1.944  1.00 24.43 ? 10 5BU A OP2   1 
HETATM 189 O  "O5'" . 5BU A 1 10 ? -2.869  -6.934  -4.053  1.00 26.79 ? 10 5BU A "O5'" 1 
HETATM 190 C  "C5'" . 5BU A 1 10 ? -3.315  -7.529  -5.261  1.00 27.89 ? 10 5BU A "C5'" 1 
HETATM 191 C  "C4'" . 5BU A 1 10 ? -4.063  -6.519  -6.085  1.00 29.16 ? 10 5BU A "C4'" 1 
HETATM 192 O  "O4'" . 5BU A 1 10 ? -5.249  -6.097  -5.360  1.00 29.88 ? 10 5BU A "O4'" 1 
HETATM 193 C  "C3'" . 5BU A 1 10 ? -3.318  -5.217  -6.321  1.00 30.41 ? 10 5BU A "C3'" 1 
HETATM 194 O  "O3'" . 5BU A 1 10 ? -2.384  -5.327  -7.381  1.00 32.87 ? 10 5BU A "O3'" 1 
HETATM 195 C  "C2'" . 5BU A 1 10 ? -4.457  -4.268  -6.646  1.00 28.29 ? 10 5BU A "C2'" 1 
HETATM 196 O  "O2'" . 5BU A 1 10 ? -4.964  -4.462  -7.954  1.00 26.04 ? 10 5BU A "O2'" 1 
HETATM 197 C  "C1'" . 5BU A 1 10 ? -5.503  -4.724  -5.633  1.00 30.47 ? 10 5BU A "C1'" 1 
HETATM 198 N  N1    . 5BU A 1 10 ? -5.459  -3.972  -4.370  1.00 28.95 ? 10 5BU A N1    1 
HETATM 199 C  C2    . 5BU A 1 10 ? -6.027  -2.711  -4.364  1.00 29.36 ? 10 5BU A C2    1 
HETATM 200 O  O2    . 5BU A 1 10 ? -6.473  -2.179  -5.367  1.00 30.41 ? 10 5BU A O2    1 
HETATM 201 N  N3    . 5BU A 1 10 ? -6.041  -2.088  -3.143  1.00 26.31 ? 10 5BU A N3    1 
HETATM 202 C  C4    . 5BU A 1 10 ? -5.536  -2.568  -1.964  1.00 25.16 ? 10 5BU A C4    1 
HETATM 203 O  O4    . 5BU A 1 10 ? -5.707  -1.929  -0.926  1.00 24.69 ? 10 5BU A O4    1 
HETATM 204 C  C5    . 5BU A 1 10 ? -4.915  -3.847  -2.059  1.00 26.81 ? 10 5BU A C5    1 
HETATM 205 C  C6    . 5BU A 1 10 ? -4.900  -4.496  -3.230  1.00 26.13 ? 10 5BU A C6    1 
HETATM 206 BR BR    . 5BU A 1 10 ? -3.869  -4.490  -0.585  1.00 30.33 ? 10 5BU A BR    1 
ATOM   207 P  P     . C   A 1 11 ? -1.060  -4.418  -7.365  1.00 34.51 ? 11 C   A P     1 
ATOM   208 O  OP1   . C   A 1 11 ? -0.171  -4.927  -8.435  1.00 36.97 ? 11 C   A OP1   1 
ATOM   209 O  OP2   . C   A 1 11 ? -0.548  -4.324  -5.970  1.00 33.74 ? 11 C   A OP2   1 
ATOM   210 O  "O5'" . C   A 1 11 ? -1.602  -2.989  -7.807  1.00 32.79 ? 11 C   A "O5'" 1 
ATOM   211 C  "C5'" . C   A 1 11 ? -2.232  -2.818  -9.072  1.00 30.75 ? 11 C   A "C5'" 1 
ATOM   212 C  "C4'" . C   A 1 11 ? -2.938  -1.491  -9.133  1.00 29.46 ? 11 C   A "C4'" 1 
ATOM   213 O  "O4'" . C   A 1 11 ? -4.029  -1.488  -8.175  1.00 30.91 ? 11 C   A "O4'" 1 
ATOM   214 C  "C3'" . C   A 1 11 ? -2.107  -0.291  -8.720  1.00 30.83 ? 11 C   A "C3'" 1 
ATOM   215 O  "O3'" . C   A 1 11 ? -1.259  0.173   -9.758  1.00 31.55 ? 11 C   A "O3'" 1 
ATOM   216 C  "C2'" . C   A 1 11 ? -3.183  0.717   -8.355  1.00 29.28 ? 11 C   A "C2'" 1 
ATOM   217 O  "O2'" . C   A 1 11 ? -3.804  1.302   -9.483  1.00 26.88 ? 11 C   A "O2'" 1 
ATOM   218 C  "C1'" . C   A 1 11 ? -4.182  -0.184  -7.632  1.00 31.65 ? 11 C   A "C1'" 1 
ATOM   219 N  N1    . C   A 1 11 ? -3.904  -0.235  -6.186  1.00 31.66 ? 11 C   A N1    1 
ATOM   220 C  C2    . C   A 1 11 ? -4.441  0.768   -5.370  1.00 30.68 ? 11 C   A C2    1 
ATOM   221 O  O2    . C   A 1 11 ? -5.137  1.655   -5.889  1.00 31.64 ? 11 C   A O2    1 
ATOM   222 N  N3    . C   A 1 11 ? -4.182  0.751   -4.040  1.00 27.13 ? 11 C   A N3    1 
ATOM   223 C  C4    . C   A 1 11 ? -3.418  -0.208  -3.523  1.00 25.51 ? 11 C   A C4    1 
ATOM   224 N  N4    . C   A 1 11 ? -3.192  -0.177  -2.217  1.00 26.18 ? 11 C   A N4    1 
ATOM   225 C  C5    . C   A 1 11 ? -2.854  -1.244  -4.330  1.00 27.69 ? 11 C   A C5    1 
ATOM   226 C  C6    . C   A 1 11 ? -3.125  -1.223  -5.644  1.00 31.42 ? 11 C   A C6    1 
ATOM   227 P  P     . G   A 1 12 ? 0.034   1.045   -9.378  1.00 29.16 ? 12 G   A P     1 
ATOM   228 O  OP1   . G   A 1 12 ? 0.773   1.333   -10.637 1.00 38.52 ? 12 G   A OP1   1 
ATOM   229 O  OP2   . G   A 1 12 ? 0.740   0.376   -8.261  1.00 31.89 ? 12 G   A OP2   1 
ATOM   230 O  "O5'" . G   A 1 12 ? -0.591  2.404   -8.842  1.00 29.77 ? 12 G   A "O5'" 1 
ATOM   231 C  "C5'" . G   A 1 12 ? -1.265  3.292   -9.722  1.00 27.45 ? 12 G   A "C5'" 1 
ATOM   232 C  "C4'" . G   A 1 12 ? -1.626  4.563   -8.996  1.00 31.60 ? 12 G   A "C4'" 1 
ATOM   233 O  "O4'" . G   A 1 12 ? -2.615  4.275   -7.972  1.00 28.56 ? 12 G   A "O4'" 1 
ATOM   234 C  "C3'" . G   A 1 12 ? -0.501  5.234   -8.227  1.00 32.23 ? 12 G   A "C3'" 1 
ATOM   235 O  "O3'" . G   A 1 12 ? 0.323   6.022   -9.071  1.00 32.68 ? 12 G   A "O3'" 1 
ATOM   236 C  "C2'" . G   A 1 12 ? -1.288  6.077   -7.240  1.00 31.27 ? 12 G   A "C2'" 1 
ATOM   237 O  "O2'" . G   A 1 12 ? -1.897  7.179   -7.874  1.00 35.29 ? 12 G   A "O2'" 1 
ATOM   238 C  "C1'" . G   A 1 12 ? -2.375  5.086   -6.835  1.00 30.22 ? 12 G   A "C1'" 1 
ATOM   239 N  N9    . G   A 1 12 ? -1.928  4.214   -5.755  1.00 30.32 ? 12 G   A N9    1 
ATOM   240 C  C8    . G   A 1 12 ? -1.409  2.949   -5.881  1.00 27.72 ? 12 G   A C8    1 
ATOM   241 N  N7    . G   A 1 12 ? -1.110  2.403   -4.737  1.00 28.81 ? 12 G   A N7    1 
ATOM   242 C  C5    . G   A 1 12 ? -1.453  3.366   -3.797  1.00 27.06 ? 12 G   A C5    1 
ATOM   243 C  C6    . G   A 1 12 ? -1.370  3.340   -2.383  1.00 26.42 ? 12 G   A C6    1 
ATOM   244 O  O6    . G   A 1 12 ? -0.987  2.422   -1.647  1.00 25.71 ? 12 G   A O6    1 
ATOM   245 N  N1    . G   A 1 12 ? -1.807  4.535   -1.825  1.00 26.57 ? 12 G   A N1    1 
ATOM   246 C  C2    . G   A 1 12 ? -2.272  5.610   -2.533  1.00 26.39 ? 12 G   A C2    1 
ATOM   247 N  N2    . G   A 1 12 ? -2.647  6.668   -1.813  1.00 27.70 ? 12 G   A N2    1 
ATOM   248 N  N3    . G   A 1 12 ? -2.367  5.643   -3.848  1.00 29.64 ? 12 G   A N3    1 
ATOM   249 C  C4    . G   A 1 12 ? -1.944  4.492   -4.413  1.00 27.60 ? 12 G   A C4    1 
ATOM   250 P  P     . A   A 1 13 ? 1.886   6.192   -8.726  1.00 37.04 ? 13 A   A P     1 
ATOM   251 O  OP1   . A   A 1 13 ? 2.505   6.900   -9.881  1.00 41.46 ? 13 A   A OP1   1 
ATOM   252 O  OP2   . A   A 1 13 ? 2.448   4.893   -8.276  1.00 33.62 ? 13 A   A OP2   1 
ATOM   253 O  "O5'" . A   A 1 13 ? 1.888   7.187   -7.486  1.00 36.02 ? 13 A   A "O5'" 1 
ATOM   254 C  "C5'" . A   A 1 13 ? 1.185   8.420   -7.547  1.00 32.97 ? 13 A   A "C5'" 1 
ATOM   255 C  "C4'" . A   A 1 13 ? 1.058   9.015   -6.169  1.00 32.44 ? 13 A   A "C4'" 1 
ATOM   256 O  "O4'" . A   A 1 13 ? 0.194   8.179   -5.355  1.00 30.43 ? 13 A   A "O4'" 1 
ATOM   257 C  "C3'" . A   A 1 13 ? 2.341   9.114   -5.359  1.00 29.00 ? 13 A   A "C3'" 1 
ATOM   258 O  "O3'" . A   A 1 13 ? 3.047   10.296  -5.685  1.00 33.32 ? 13 A   A "O3'" 1 
ATOM   259 C  "C2'" . A   A 1 13 ? 1.793   9.218   -3.949  1.00 27.30 ? 13 A   A "C2'" 1 
ATOM   260 O  "O2'" . A   A 1 13 ? 1.288   10.507  -3.688  1.00 26.72 ? 13 A   A "O2'" 1 
ATOM   261 C  "C1'" . A   A 1 13 ? 0.636   8.221   -4.011  1.00 27.92 ? 13 A   A "C1'" 1 
ATOM   262 N  N9    . A   A 1 13 ? 1.057   6.876   -3.630  1.00 27.03 ? 13 A   A N9    1 
ATOM   263 C  C8    . A   A 1 13 ? 1.439   5.839   -4.445  1.00 22.30 ? 13 A   A C8    1 
ATOM   264 N  N7    . A   A 1 13 ? 1.741   4.745   -3.796  1.00 21.06 ? 13 A   A N7    1 
ATOM   265 C  C5    . A   A 1 13 ? 1.548   5.086   -2.465  1.00 22.03 ? 13 A   A C5    1 
ATOM   266 C  C6    . A   A 1 13 ? 1.684   4.357   -1.276  1.00 20.55 ? 13 A   A C6    1 
ATOM   267 N  N6    . A   A 1 13 ? 2.038   3.072   -1.233  1.00 19.17 ? 13 A   A N6    1 
ATOM   268 N  N1    . A   A 1 13 ? 1.428   4.995   -0.118  1.00 23.41 ? 13 A   A N1    1 
ATOM   269 C  C2    . A   A 1 13 ? 1.048   6.280   -0.161  1.00 24.88 ? 13 A   A C2    1 
ATOM   270 N  N3    . A   A 1 13 ? 0.869   7.066   -1.215  1.00 25.26 ? 13 A   A N3    1 
ATOM   271 C  C4    . A   A 1 13 ? 1.139   6.399   -2.349  1.00 23.31 ? 13 A   A C4    1 
ATOM   272 P  P     . G   A 1 14 ? 4.645   10.329  -5.581  1.00 36.43 ? 14 G   A P     1 
ATOM   273 O  OP1   . G   A 1 14 ? 5.020   11.722  -5.939  1.00 39.35 ? 14 G   A OP1   1 
ATOM   274 O  OP2   . G   A 1 14 ? 5.214   9.188   -6.347  1.00 40.21 ? 14 G   A OP2   1 
ATOM   275 O  "O5'" . G   A 1 14 ? 4.973   10.087  -4.042  1.00 36.81 ? 14 G   A "O5'" 1 
ATOM   276 C  "C5'" . G   A 1 14 ? 4.627   11.060  -3.081  1.00 35.96 ? 14 G   A "C5'" 1 
ATOM   277 C  "C4'" . G   A 1 14 ? 4.668   10.477  -1.689  1.00 35.77 ? 14 G   A "C4'" 1 
ATOM   278 O  "O4'" . G   A 1 14 ? 3.891   9.251   -1.620  1.00 31.72 ? 14 G   A "O4'" 1 
ATOM   279 C  "C3'" . G   A 1 14 ? 5.999   10.035  -1.112  1.00 33.30 ? 14 G   A "C3'" 1 
ATOM   280 O  "O3'" . G   A 1 14 ? 6.747   11.160  -0.672  1.00 33.56 ? 14 G   A "O3'" 1 
ATOM   281 C  "C2'" . G   A 1 14 ? 5.527   9.234   0.099   1.00 32.23 ? 14 G   A "C2'" 1 
ATOM   282 O  "O2'" . G   A 1 14 ? 5.156   10.075  1.165   1.00 31.27 ? 14 G   A "O2'" 1 
ATOM   283 C  "C1'" . G   A 1 14 ? 4.264   8.558   -0.443  1.00 31.49 ? 14 G   A "C1'" 1 
ATOM   284 N  N9    . G   A 1 14 ? 4.498   7.151   -0.745  1.00 28.97 ? 14 G   A N9    1 
ATOM   285 C  C8    . G   A 1 14 ? 4.660   6.547   -1.968  1.00 27.38 ? 14 G   A C8    1 
ATOM   286 N  N7    . G   A 1 14 ? 4.862   5.260   -1.875  1.00 24.62 ? 14 G   A N7    1 
ATOM   287 C  C5    . G   A 1 14 ? 4.828   5.009   -0.508  1.00 25.72 ? 14 G   A C5    1 
ATOM   288 C  C6    . G   A 1 14 ? 4.980   3.796   0.218   1.00 21.52 ? 14 G   A C6    1 
ATOM   289 O  O6    . G   A 1 14 ? 5.167   2.658   -0.214  1.00 24.86 ? 14 G   A O6    1 
ATOM   290 N  N1    . G   A 1 14 ? 4.883   4.004   1.587   1.00 20.69 ? 14 G   A N1    1 
ATOM   291 C  C2    . G   A 1 14 ? 4.655   5.213   2.187   1.00 17.99 ? 14 G   A C2    1 
ATOM   292 N  N2    . G   A 1 14 ? 4.575   5.211   3.520   1.00 15.34 ? 14 G   A N2    1 
ATOM   293 N  N3    . G   A 1 14 ? 4.509   6.343   1.528   1.00 23.46 ? 14 G   A N3    1 
ATOM   294 C  C4    . G   A 1 14 ? 4.608   6.168   0.196   1.00 24.68 ? 14 G   A C4    1 
ATOM   295 P  P     . C   A 1 15 ? 8.351   11.068  -0.561  1.00 33.07 ? 15 C   A P     1 
ATOM   296 O  OP1   . C   A 1 15 ? 8.797   12.446  -0.209  1.00 34.87 ? 15 C   A OP1   1 
ATOM   297 O  OP2   . C   A 1 15 ? 8.895   10.404  -1.770  1.00 26.94 ? 15 C   A OP2   1 
ATOM   298 O  "O5'" . C   A 1 15 ? 8.616   10.104  0.677   1.00 30.62 ? 15 C   A "O5'" 1 
ATOM   299 C  "C5'" . C   A 1 15 ? 8.104   10.394  1.972   1.00 29.46 ? 15 C   A "C5'" 1 
ATOM   300 C  "C4'" . C   A 1 15 ? 8.289   9.194   2.868   1.00 33.23 ? 15 C   A "C4'" 1 
ATOM   301 O  "O4'" . C   A 1 15 ? 7.382   8.136   2.458   1.00 31.13 ? 15 C   A "O4'" 1 
ATOM   302 C  "C3'" . C   A 1 15 ? 9.667   8.562   2.751   1.00 35.36 ? 15 C   A "C3'" 1 
ATOM   303 O  "O3'" . C   A 1 15 ? 10.591  9.182   3.618   1.00 39.91 ? 15 C   A "O3'" 1 
ATOM   304 C  "C2'" . C   A 1 15 ? 9.417   7.131   3.178   1.00 31.39 ? 15 C   A "C2'" 1 
ATOM   305 O  "O2'" . C   A 1 15 ? 9.384   6.999   4.581   1.00 34.49 ? 15 C   A "O2'" 1 
ATOM   306 C  "C1'" . C   A 1 15 ? 8.033   6.880   2.580   1.00 31.64 ? 15 C   A "C1'" 1 
ATOM   307 N  N1    . C   A 1 15 ? 8.099   6.264   1.251   1.00 28.95 ? 15 C   A N1    1 
ATOM   308 C  C2    . C   A 1 15 ? 8.205   4.884   1.169   1.00 27.96 ? 15 C   A C2    1 
ATOM   309 O  O2    . C   A 1 15 ? 8.293   4.238   2.215   1.00 29.64 ? 15 C   A O2    1 
ATOM   310 N  N3    . C   A 1 15 ? 8.213   4.287   -0.043  1.00 28.79 ? 15 C   A N3    1 
ATOM   311 C  C4    . C   A 1 15 ? 8.138   5.031   -1.147  1.00 28.72 ? 15 C   A C4    1 
ATOM   312 N  N4    . C   A 1 15 ? 8.131   4.403   -2.327  1.00 29.19 ? 15 C   A N4    1 
ATOM   313 C  C5    . C   A 1 15 ? 8.062   6.454   -1.093  1.00 27.35 ? 15 C   A C5    1 
ATOM   314 C  C6    . C   A 1 15 ? 8.045   7.022   0.116   1.00 27.05 ? 15 C   A C6    1 
ATOM   315 P  P     . A   A 1 16 ? 11.996  9.665   3.038   1.00 44.74 ? 16 A   A P     1 
ATOM   316 O  OP1   . A   A 1 16 ? 11.848  11.119  2.776   1.00 46.87 ? 16 A   A OP1   1 
ATOM   317 O  OP2   . A   A 1 16 ? 12.378  8.754   1.933   1.00 43.78 ? 16 A   A OP2   1 
ATOM   318 O  "O5'" . A   A 1 16 ? 13.003  9.445   4.253   1.00 45.73 ? 16 A   A "O5'" 1 
ATOM   319 C  "C5'" . A   A 1 16 ? 13.595  10.553  4.916   1.00 41.68 ? 16 A   A "C5'" 1 
ATOM   320 C  "C4'" . A   A 1 16 ? 14.310  10.092  6.160   1.00 40.56 ? 16 A   A "C4'" 1 
ATOM   321 O  "O4'" . A   A 1 16 ? 13.345  9.505   7.069   1.00 38.76 ? 16 A   A "O4'" 1 
ATOM   322 C  "C3'" . A   A 1 16 ? 15.333  8.982   5.981   1.00 40.31 ? 16 A   A "C3'" 1 
ATOM   323 O  "O3'" . A   A 1 16 ? 16.584  9.483   5.541   1.00 39.19 ? 16 A   A "O3'" 1 
ATOM   324 C  "C2'" . A   A 1 16 ? 15.436  8.439   7.395   1.00 39.75 ? 16 A   A "C2'" 1 
ATOM   325 O  "O2'" . A   A 1 16 ? 16.207  9.281   8.223   1.00 43.70 ? 16 A   A "O2'" 1 
ATOM   326 C  "C1'" . A   A 1 16 ? 13.974  8.493   7.838   1.00 39.30 ? 16 A   A "C1'" 1 
ATOM   327 N  N9    . A   A 1 16 ? 13.286  7.229   7.590   1.00 37.99 ? 16 A   A N9    1 
ATOM   328 C  C8    . A   A 1 16 ? 12.297  6.955   6.679   1.00 36.02 ? 16 A   A C8    1 
ATOM   329 N  N7    . A   A 1 16 ? 11.893  5.708   6.699   1.00 37.21 ? 16 A   A N7    1 
ATOM   330 C  C5    . A   A 1 16 ? 12.669  5.123   7.691   1.00 35.36 ? 16 A   A C5    1 
ATOM   331 C  C6    . A   A 1 16 ? 12.731  3.812   8.197   1.00 34.30 ? 16 A   A C6    1 
ATOM   332 N  N6    . A   A 1 16 ? 11.977  2.806   7.749   1.00 37.85 ? 16 A   A N6    1 
ATOM   333 N  N1    . A   A 1 16 ? 13.611  3.565   9.190   1.00 30.16 ? 16 A   A N1    1 
ATOM   334 C  C2    . A   A 1 16 ? 14.379  4.568   9.627   1.00 27.95 ? 16 A   A C2    1 
ATOM   335 N  N3    . A   A 1 16 ? 14.420  5.836   9.226   1.00 31.09 ? 16 A   A N3    1 
ATOM   336 C  C4    . A   A 1 16 ? 13.528  6.051   8.248   1.00 35.05 ? 16 A   A C4    1 
ATOM   337 P  P     . A   A 1 17 ? 17.439  8.640   4.474   1.00 45.59 ? 17 A   A P     1 
ATOM   338 O  OP1   . A   A 1 17 ? 18.567  9.501   4.027   1.00 44.41 ? 17 A   A OP1   1 
ATOM   339 O  OP2   . A   A 1 17 ? 16.498  8.082   3.465   1.00 40.99 ? 17 A   A OP2   1 
ATOM   340 O  "O5'" . A   A 1 17 ? 18.027  7.423   5.320   1.00 43.64 ? 17 A   A "O5'" 1 
ATOM   341 C  "C5'" . A   A 1 17 ? 18.945  7.645   6.391   1.00 41.36 ? 17 A   A "C5'" 1 
ATOM   342 C  "C4'" . A   A 1 17 ? 19.114  6.382   7.200   1.00 41.94 ? 17 A   A "C4'" 1 
ATOM   343 O  "O4'" . A   A 1 17 ? 17.865  6.078   7.882   1.00 40.66 ? 17 A   A "O4'" 1 
ATOM   344 C  "C3'" . A   A 1 17 ? 19.418  5.124   6.399   1.00 42.26 ? 17 A   A "C3'" 1 
ATOM   345 O  "O3'" . A   A 1 17 ? 20.807  4.997   6.117   1.00 45.69 ? 17 A   A "O3'" 1 
ATOM   346 C  "C2'" . A   A 1 17 ? 18.923  4.033   7.337   1.00 42.25 ? 17 A   A "C2'" 1 
ATOM   347 O  "O2'" . A   A 1 17 ? 19.813  3.755   8.398   1.00 45.25 ? 17 A   A "O2'" 1 
ATOM   348 C  "C1'" . A   A 1 17 ? 17.645  4.675   7.875   1.00 39.10 ? 17 A   A "C1'" 1 
ATOM   349 N  N9    . A   A 1 17 ? 16.537  4.398   6.966   1.00 33.29 ? 17 A   A N9    1 
ATOM   350 C  C8    . A   A 1 17 ? 15.981  5.242   6.037   1.00 31.01 ? 17 A   A C8    1 
ATOM   351 N  N7    . A   A 1 17 ? 15.044  4.686   5.314   1.00 27.91 ? 17 A   A N7    1 
ATOM   352 C  C5    . A   A 1 17 ? 14.964  3.393   5.811   1.00 31.19 ? 17 A   A C5    1 
ATOM   353 C  C6    . A   A 1 17 ? 14.164  2.296   5.463   1.00 29.99 ? 17 A   A C6    1 
ATOM   354 N  N6    . A   A 1 17 ? 13.281  2.315   4.466   1.00 29.14 ? 17 A   A N6    1 
ATOM   355 N  N1    . A   A 1 17 ? 14.318  1.156   6.174   1.00 32.55 ? 17 A   A N1    1 
ATOM   356 C  C2    . A   A 1 17 ? 15.236  1.126   7.148   1.00 27.17 ? 17 A   A C2    1 
ATOM   357 N  N3    . A   A 1 17 ? 16.063  2.083   7.552   1.00 29.24 ? 17 A   A N3    1 
ATOM   358 C  C4    . A   A 1 17 ? 15.869  3.208   6.840   1.00 32.38 ? 17 A   A C4    1 
ATOM   359 P  P     . G   A 1 18 ? 21.283  4.256   4.771   1.00 44.57 ? 18 G   A P     1 
ATOM   360 O  OP1   . G   A 1 18 ? 22.767  4.199   4.792   1.00 46.75 ? 18 G   A OP1   1 
ATOM   361 O  OP2   . G   A 1 18 ? 20.591  4.879   3.618   1.00 46.59 ? 18 G   A OP2   1 
ATOM   362 O  "O5'" . G   A 1 18 ? 20.728  2.773   4.933   1.00 46.23 ? 18 G   A "O5'" 1 
ATOM   363 C  "C5'" . G   A 1 18 ? 21.122  1.959   6.032   1.00 42.66 ? 18 G   A "C5'" 1 
ATOM   364 C  "C4'" . G   A 1 18 ? 20.386  0.646   5.985   1.00 39.95 ? 18 G   A "C4'" 1 
ATOM   365 O  "O4'" . G   A 1 18 ? 18.974  0.877   6.229   1.00 37.48 ? 18 G   A "O4'" 1 
ATOM   366 C  "C3'" . G   A 1 18 ? 20.417  -0.047  4.634   1.00 39.05 ? 18 G   A "C3'" 1 
ATOM   367 O  "O3'" . G   A 1 18 ? 21.598  -0.812  4.474   1.00 40.18 ? 18 G   A "O3'" 1 
ATOM   368 C  "C2'" . G   A 1 18 ? 19.172  -0.917  4.698   1.00 38.57 ? 18 G   A "C2'" 1 
ATOM   369 O  "O2'" . G   A 1 18 ? 19.343  -2.085  5.473   1.00 42.20 ? 18 G   A "O2'" 1 
ATOM   370 C  "C1'" . G   A 1 18 ? 18.199  0.031   5.396   1.00 36.26 ? 18 G   A "C1'" 1 
ATOM   371 N  N9    . G   A 1 18 ? 17.504  0.870   4.429   1.00 34.25 ? 18 G   A N9    1 
ATOM   372 C  C8    . G   A 1 18 ? 17.586  2.233   4.300   1.00 30.67 ? 18 G   A C8    1 
ATOM   373 N  N7    . G   A 1 18 ? 16.845  2.702   3.336   1.00 32.28 ? 18 G   A N7    1 
ATOM   374 C  C5    . G   A 1 18 ? 16.236  1.579   2.794   1.00 30.71 ? 18 G   A C5    1 
ATOM   375 C  C6    . G   A 1 18 ? 15.321  1.459   1.723   1.00 31.01 ? 18 G   A C6    1 
ATOM   376 O  O6    . G   A 1 18 ? 14.837  2.354   1.021   1.00 32.76 ? 18 G   A O6    1 
ATOM   377 N  N1    . G   A 1 18 ? 14.970  0.131   1.497   1.00 30.65 ? 18 G   A N1    1 
ATOM   378 C  C2    . G   A 1 18 ? 15.441  -0.944  2.211   1.00 29.00 ? 18 G   A C2    1 
ATOM   379 N  N2    . G   A 1 18 ? 15.005  -2.145  1.827   1.00 29.57 ? 18 G   A N2    1 
ATOM   380 N  N3    . G   A 1 18 ? 16.282  -0.845  3.221   1.00 29.86 ? 18 G   A N3    1 
ATOM   381 C  C4    . G   A 1 18 ? 16.637  0.439   3.455   1.00 32.15 ? 18 G   A C4    1 
ATOM   382 P  P     . U   A 1 19 ? 22.206  -1.036  3.004   1.00 38.03 ? 19 U   A P     1 
ATOM   383 O  OP1   . U   A 1 19 ? 23.489  -1.757  3.178   1.00 39.98 ? 19 U   A OP1   1 
ATOM   384 O  OP2   . U   A 1 19 ? 22.179  0.255   2.268   1.00 35.57 ? 19 U   A OP2   1 
ATOM   385 O  "O5'" . U   A 1 19 ? 21.177  -2.034  2.312   1.00 39.04 ? 19 U   A "O5'" 1 
ATOM   386 C  "C5'" . U   A 1 19 ? 21.049  -3.375  2.762   1.00 39.47 ? 19 U   A "C5'" 1 
ATOM   387 C  "C4'" . U   A 1 19 ? 20.308  -4.193  1.735   1.00 39.36 ? 19 U   A "C4'" 1 
ATOM   388 O  "O4'" . U   A 1 19 ? 18.939  -3.735  1.659   1.00 34.46 ? 19 U   A "O4'" 1 
ATOM   389 C  "C3'" . U   A 1 19 ? 20.835  -4.058  0.317   1.00 39.98 ? 19 U   A "C3'" 1 
ATOM   390 O  "O3'" . U   A 1 19 ? 21.903  -4.972  0.106   1.00 41.58 ? 19 U   A "O3'" 1 
ATOM   391 C  "C2'" . U   A 1 19 ? 19.611  -4.413  -0.516  1.00 37.73 ? 19 U   A "C2'" 1 
ATOM   392 O  "O2'" . U   A 1 19 ? 19.400  -5.806  -0.610  1.00 40.29 ? 19 U   A "O2'" 1 
ATOM   393 C  "C1'" . U   A 1 19 ? 18.493  -3.786  0.317   1.00 37.10 ? 19 U   A "C1'" 1 
ATOM   394 N  N1    . U   A 1 19 ? 18.126  -2.420  -0.084  1.00 34.99 ? 19 U   A N1    1 
ATOM   395 C  C2    . U   A 1 19 ? 17.308  -2.275  -1.181  1.00 32.70 ? 19 U   A C2    1 
ATOM   396 O  O2    . U   A 1 19 ? 16.933  -3.222  -1.855  1.00 34.38 ? 19 U   A O2    1 
ATOM   397 N  N3    . U   A 1 19 ? 16.944  -0.983  -1.461  1.00 30.17 ? 19 U   A N3    1 
ATOM   398 C  C4    . U   A 1 19 ? 17.316  0.156   -0.772  1.00 32.52 ? 19 U   A C4    1 
ATOM   399 O  O4    . U   A 1 19 ? 16.860  1.247   -1.115  1.00 28.54 ? 19 U   A O4    1 
ATOM   400 C  C5    . U   A 1 19 ? 18.196  -0.076  0.334   1.00 33.68 ? 19 U   A C5    1 
ATOM   401 C  C6    . U   A 1 19 ? 18.565  -1.326  0.629   1.00 36.55 ? 19 U   A C6    1 
ATOM   402 P  P     . C   A 1 20 ? 23.136  -4.551  -0.828  1.00 40.38 ? 20 C   A P     1 
ATOM   403 O  OP1   . C   A 1 20 ? 24.054  -5.714  -0.855  1.00 45.31 ? 20 C   A OP1   1 
ATOM   404 O  OP2   . C   A 1 20 ? 23.640  -3.223  -0.401  1.00 39.26 ? 20 C   A OP2   1 
ATOM   405 O  "O5'" . C   A 1 20 ? 22.481  -4.401  -2.268  1.00 37.56 ? 20 C   A "O5'" 1 
ATOM   406 C  "C5'" . C   A 1 20 ? 21.997  -5.536  -2.964  1.00 38.16 ? 20 C   A "C5'" 1 
ATOM   407 C  "C4'" . C   A 1 20 ? 21.229  -5.100  -4.182  1.00 38.54 ? 20 C   A "C4'" 1 
ATOM   408 O  "O4'" . C   A 1 20 ? 20.003  -4.437  -3.764  1.00 37.13 ? 20 C   A "O4'" 1 
ATOM   409 C  "C3'" . C   A 1 20 ? 21.919  -4.053  -5.037  1.00 37.95 ? 20 C   A "C3'" 1 
ATOM   410 O  "O3'" . C   A 1 20 ? 22.904  -4.613  -5.895  1.00 37.88 ? 20 C   A "O3'" 1 
ATOM   411 C  "C2'" . C   A 1 20 ? 20.734  -3.453  -5.780  1.00 36.37 ? 20 C   A "C2'" 1 
ATOM   412 O  "O2'" . C   A 1 20 ? 20.226  -4.297  -6.794  1.00 37.10 ? 20 C   A "O2'" 1 
ATOM   413 C  "C1'" . C   A 1 20 ? 19.712  -3.370  -4.651  1.00 34.35 ? 20 C   A "C1'" 1 
ATOM   414 N  N1    . C   A 1 20 ? 19.834  -2.105  -3.914  1.00 30.23 ? 20 C   A N1    1 
ATOM   415 C  C2    . C   A 1 20 ? 19.201  -0.975  -4.431  1.00 28.73 ? 20 C   A C2    1 
ATOM   416 O  O2    . C   A 1 20 ? 18.540  -1.087  -5.476  1.00 31.91 ? 20 C   A O2    1 
ATOM   417 N  N3    . C   A 1 20 ? 19.319  0.204   -3.784  1.00 25.20 ? 20 C   A N3    1 
ATOM   418 C  C4    . C   A 1 20 ? 20.028  0.280   -2.661  1.00 25.44 ? 20 C   A C4    1 
ATOM   419 N  N4    . C   A 1 20 ? 20.119  1.470   -2.064  1.00 25.75 ? 20 C   A N4    1 
ATOM   420 C  C5    . C   A 1 20 ? 20.678  -0.860  -2.100  1.00 25.94 ? 20 C   A C5    1 
ATOM   421 C  C6    . C   A 1 20 ? 20.555  -2.021  -2.755  1.00 27.78 ? 20 C   A C6    1 
ATOM   422 P  P     . G   A 1 21 ? 24.132  -3.701  -6.393  1.00 39.08 ? 21 G   A P     1 
ATOM   423 O  OP1   . G   A 1 21 ? 25.085  -4.600  -7.097  1.00 44.41 ? 21 G   A OP1   1 
ATOM   424 O  OP2   . G   A 1 21 ? 24.619  -2.838  -5.299  1.00 35.39 ? 21 G   A OP2   1 
ATOM   425 O  "O5'" . G   A 1 21 ? 23.463  -2.757  -7.480  1.00 37.59 ? 21 G   A "O5'" 1 
ATOM   426 C  "C5'" . G   A 1 21 ? 22.727  -3.311  -8.554  1.00 35.35 ? 21 G   A "C5'" 1 
ATOM   427 C  "C4'" . G   A 1 21 ? 22.105  -2.210  -9.360  1.00 36.30 ? 21 G   A "C4'" 1 
ATOM   428 O  "O4'" . G   A 1 21 ? 21.090  -1.550  -8.561  1.00 36.93 ? 21 G   A "O4'" 1 
ATOM   429 C  "C3'" . G   A 1 21 ? 23.043  -1.077  -9.735  1.00 33.22 ? 21 G   A "C3'" 1 
ATOM   430 O  "O3'" . G   A 1 21 ? 23.805  -1.413  -10.885 1.00 35.87 ? 21 G   A "O3'" 1 
ATOM   431 C  "C2'" . G   A 1 21 ? 22.057  0.037   -10.035 1.00 30.66 ? 21 G   A "C2'" 1 
ATOM   432 O  "O2'" . G   A 1 21 ? 21.451  -0.151  -11.290 1.00 28.07 ? 21 G   A "O2'" 1 
ATOM   433 C  "C1'" . G   A 1 21 ? 21.015  -0.184  -8.938  1.00 34.80 ? 21 G   A "C1'" 1 
ATOM   434 N  N9    . G   A 1 21 ? 21.242  0.645   -7.758  1.00 32.80 ? 21 G   A N9    1 
ATOM   435 C  C8    . G   A 1 21 ? 21.792  0.264   -6.556  1.00 32.56 ? 21 G   A C8    1 
ATOM   436 N  N7    . G   A 1 21 ? 21.855  1.242   -5.690  1.00 31.99 ? 21 G   A N7    1 
ATOM   437 C  C5    . G   A 1 21 ? 21.307  2.329   -6.358  1.00 29.42 ? 21 G   A C5    1 
ATOM   438 C  C6    . G   A 1 21 ? 21.092  3.669   -5.924  1.00 29.77 ? 21 G   A C6    1 
ATOM   439 O  O6    . G   A 1 21 ? 21.330  4.172   -4.815  1.00 26.19 ? 21 G   A O6    1 
ATOM   440 N  N1    . G   A 1 21 ? 20.529  4.448   -6.931  1.00 30.79 ? 21 G   A N1    1 
ATOM   441 C  C2    . G   A 1 21 ? 20.197  3.998   -8.188  1.00 31.66 ? 21 G   A C2    1 
ATOM   442 N  N2    . G   A 1 21 ? 19.656  4.902   -9.013  1.00 32.58 ? 21 G   A N2    1 
ATOM   443 N  N3    . G   A 1 21 ? 20.381  2.752   -8.601  1.00 29.40 ? 21 G   A N3    1 
ATOM   444 C  C4    . G   A 1 21 ? 20.935  1.980   -7.641  1.00 31.09 ? 21 G   A C4    1 
ATOM   445 P  P     . C   A 1 22 ? 25.200  -0.662  -11.175 1.00 33.11 ? 22 C   A P     1 
ATOM   446 O  OP1   . C   A 1 22 ? 25.719  -1.285  -12.419 1.00 36.56 ? 22 C   A OP1   1 
ATOM   447 O  OP2   . C   A 1 22 ? 26.043  -0.643  -9.958  1.00 37.41 ? 22 C   A OP2   1 
ATOM   448 O  "O5'" . C   A 1 22 ? 24.787  0.840   -11.505 1.00 31.87 ? 22 C   A "O5'" 1 
ATOM   449 C  "C5'" . C   A 1 22 ? 24.009  1.152   -12.656 1.00 24.61 ? 22 C   A "C5'" 1 
ATOM   450 C  "C4'" . C   A 1 22 ? 23.644  2.618   -12.650 1.00 27.82 ? 22 C   A "C4'" 1 
ATOM   451 O  "O4'" . C   A 1 22 ? 22.815  2.913   -11.493 1.00 27.22 ? 22 C   A "O4'" 1 
ATOM   452 C  "C3'" . C   A 1 22 ? 24.809  3.586   -12.503 1.00 26.77 ? 22 C   A "C3'" 1 
ATOM   453 O  "O3'" . C   A 1 22 ? 25.544  3.818   -13.702 1.00 23.70 ? 22 C   A "O3'" 1 
ATOM   454 C  "C2'" . C   A 1 22 ? 24.119  4.845   -11.994 1.00 26.61 ? 22 C   A "C2'" 1 
ATOM   455 O  "O2'" . C   A 1 22 ? 23.534  5.596   -13.029 1.00 28.19 ? 22 C   A "O2'" 1 
ATOM   456 C  "C1'" . C   A 1 22 ? 23.026  4.256   -11.097 1.00 28.70 ? 22 C   A "C1'" 1 
ATOM   457 N  N1    . C   A 1 22 ? 23.380  4.285   -9.670  1.00 31.64 ? 22 C   A N1    1 
ATOM   458 C  C2    . C   A 1 22 ? 23.158  5.467   -8.965  1.00 31.06 ? 22 C   A C2    1 
ATOM   459 O  O2    . C   A 1 22 ? 22.676  6.435   -9.572  1.00 32.11 ? 22 C   A O2    1 
ATOM   460 N  N3    . C   A 1 22 ? 23.468  5.530   -7.650  1.00 30.53 ? 22 C   A N3    1 
ATOM   461 C  C4    . C   A 1 22 ? 23.985  4.465   -7.037  1.00 30.21 ? 22 C   A C4    1 
ATOM   462 N  N4    . C   A 1 22 ? 24.276  4.581   -5.736  1.00 27.30 ? 22 C   A N4    1 
ATOM   463 C  C5    . C   A 1 22 ? 24.224  3.237   -7.731  1.00 30.61 ? 22 C   A C5    1 
ATOM   464 C  C6    . C   A 1 22 ? 23.910  3.193   -9.038  1.00 29.98 ? 22 C   A C6    1 
HETATM 465 NA NA    . NA  B 2 .  ? 25.275  5.846   -15.313 1.00 26.27 ? 23 NA  A NA    1 
HETATM 466 CO CO    . NCO C 3 .  ? 16.919  5.750   0.408   1.00 54.27 ? 24 NCO A CO    1 
HETATM 467 N  N1    . NCO C 3 .  ? 16.524  7.645   0.786   1.00 54.48 ? 24 NCO A N1    1 
HETATM 468 N  N2    . NCO C 3 .  ? 17.291  6.038   -1.448  1.00 53.90 ? 24 NCO A N2    1 
HETATM 469 N  N3    . NCO C 3 .  ? 14.986  5.474   0.148   1.00 52.00 ? 24 NCO A N3    1 
HETATM 470 N  N4    . NCO C 3 .  ? 18.813  6.049   0.757   1.00 51.53 ? 24 NCO A N4    1 
HETATM 471 N  N5    . NCO C 3 .  ? 17.264  3.856   0.102   1.00 52.79 ? 24 NCO A N5    1 
HETATM 472 N  N6    . NCO C 3 .  ? 16.633  5.392   2.307   1.00 54.11 ? 24 NCO A N6    1 
HETATM 473 O  O     . HOH D 4 .  ? -2.456  -5.607  2.287   1.00 21.51 ? 25 HOH A O     1 
HETATM 474 O  O     . HOH D 4 .  ? -1.019  -6.694  0.453   1.00 27.28 ? 26 HOH A O     1 
HETATM 475 O  O     . HOH D 4 .  ? 9.792   2.338   -0.642  1.00 31.13 ? 27 HOH A O     1 
HETATM 476 O  O     . HOH D 4 .  ? 2.846   2.487   -4.308  1.00 42.25 ? 28 HOH A O     1 
HETATM 477 O  O     . HOH D 4 .  ? 5.265   3.499   -3.896  1.00 25.79 ? 29 HOH A O     1 
HETATM 478 O  O     . HOH D 4 .  ? 13.707  1.063   10.491  1.00 32.37 ? 30 HOH A O     1 
HETATM 479 O  O     . HOH D 4 .  ? -1.321  -4.458  -2.929  1.00 36.91 ? 31 HOH A O     1 
HETATM 480 O  O     . HOH D 4 .  ? -0.182  9.556   -0.391  1.00 22.70 ? 32 HOH A O     1 
HETATM 481 O  O     . HOH D 4 .  ? -4.398  -6.850  10.417  1.00 31.87 ? 33 HOH A O     1 
HETATM 482 O  O     . HOH D 4 .  ? -6.869  -3.025  -8.656  1.00 32.36 ? 34 HOH A O     1 
HETATM 483 O  O     . HOH D 4 .  ? -5.496  2.944   -8.490  1.00 32.05 ? 35 HOH A O     1 
HETATM 484 O  O     . HOH D 4 .  ? -5.421  -2.049  -11.132 1.00 47.49 ? 36 HOH A O     1 
HETATM 485 O  O     . HOH D 4 .  ? -7.407  -8.223  -5.089  1.00 26.86 ? 37 HOH A O     1 
HETATM 486 O  O     . HOH D 4 .  ? -15.560 0.144   3.974   1.00 39.68 ? 38 HOH A O     1 
HETATM 487 O  O     . HOH D 4 .  ? 5.165   14.150  -3.677  1.00 56.79 ? 39 HOH A O     1 
HETATM 488 O  O     . HOH D 4 .  ? -6.260  -3.752  4.219   1.00 27.91 ? 40 HOH A O     1 
HETATM 489 O  O     . HOH D 4 .  ? -23.815 5.659   2.167   1.00 36.47 ? 41 HOH A O     1 
HETATM 490 O  O     . HOH D 4 .  ? 15.032  -1.947  5.121   1.00 38.42 ? 42 HOH A O     1 
HETATM 491 O  O     . HOH D 4 .  ? -4.825  -1.390  1.439   1.00 27.38 ? 43 HOH A O     1 
HETATM 492 O  O     . HOH D 4 .  ? -25.078 -6.090  0.613   1.00 40.37 ? 44 HOH A O     1 
HETATM 493 O  O     . HOH D 4 .  ? 23.455  1.039   -3.225  1.00 30.18 ? 45 HOH A O     1 
HETATM 494 O  O     . HOH D 4 .  ? -0.875  -2.323  -1.377  1.00 27.98 ? 46 HOH A O     1 
HETATM 495 O  O     . HOH D 4 .  ? -3.920  1.250   -12.151 1.00 37.59 ? 47 HOH A O     1 
HETATM 496 O  O     . HOH D 4 .  ? 12.888  -0.778  7.439   1.00 45.49 ? 48 HOH A O     1 
HETATM 497 O  O     . HOH D 4 .  ? -1.888  -10.853 5.510   1.00 33.69 ? 49 HOH A O     1 
HETATM 498 O  O     . HOH D 4 .  ? -11.339 -11.327 6.912   1.00 46.95 ? 50 HOH A O     1 
HETATM 499 O  O     . HOH D 4 .  ? 21.872  7.445   -12.228 1.00 31.84 ? 51 HOH A O     1 
HETATM 500 O  O     . HOH D 4 .  ? 7.672   5.845   -4.864  1.00 41.17 ? 52 HOH A O     1 
HETATM 501 O  O     . HOH D 4 .  ? -26.012 2.964   4.926   1.00 42.10 ? 53 HOH A O     1 
HETATM 502 O  O     . HOH D 4 .  ? -30.217 -7.622  5.275   1.00 40.81 ? 54 HOH A O     1 
HETATM 503 O  O     . HOH D 4 .  ? -2.808  -7.287  5.804   1.00 28.35 ? 55 HOH A O     1 
HETATM 504 O  O     . HOH D 4 .  ? -25.668 5.469   3.991   1.00 42.44 ? 56 HOH A O     1 
HETATM 505 O  O     . HOH D 4 .  ? 11.875  6.489   0.337   1.00 40.60 ? 57 HOH A O     1 
HETATM 506 O  O     . HOH D 4 .  ? 25.842  2.460   -4.593  1.00 34.54 ? 58 HOH A O     1 
HETATM 507 O  O     . HOH D 4 .  ? 17.070  -6.582  -2.006  1.00 39.44 ? 59 HOH A O     1 
HETATM 508 O  O     . HOH D 4 .  ? 7.324   0.273   -0.965  1.00 37.06 ? 60 HOH A O     1 
HETATM 509 O  O     . HOH D 4 .  ? 21.932  -2.131  -13.290 1.00 43.13 ? 61 HOH A O     1 
HETATM 510 O  O     . HOH D 4 .  ? 6.884   14.834  -1.290  1.00 40.62 ? 62 HOH A O     1 
HETATM 511 O  O     . HOH D 4 .  ? -4.184  0.938   1.974   1.00 24.65 ? 63 HOH A O     1 
HETATM 512 O  O     . HOH D 4 .  ? -14.073 -7.570  10.224  1.00 47.18 ? 64 HOH A O     1 
HETATM 513 O  O     . HOH D 4 .  ? 5.470   1.447   -2.333  1.00 34.16 ? 65 HOH A O     1 
HETATM 514 O  O     . HOH D 4 .  ? 11.474  3.680   -2.357  1.00 35.66 ? 66 HOH A O     1 
HETATM 515 O  O     . HOH D 4 .  ? 0.188   -8.842  0.744   1.00 35.54 ? 67 HOH A O     1 
HETATM 516 O  O     . HOH D 4 .  ? -3.190  7.680   -9.986  1.00 43.61 ? 68 HOH A O     1 
HETATM 517 O  O     . HOH D 4 .  ? 13.906  7.185   2.251   1.00 50.55 ? 69 HOH A O     1 
HETATM 518 O  O     . HOH D 4 .  ? 8.604   8.093   -3.574  1.00 43.26 ? 70 HOH A O     1 
HETATM 519 O  O     . HOH D 4 .  ? 13.695  4.869   2.695   1.00 43.31 ? 71 HOH A O     1 
HETATM 520 O  O     . HOH D 4 .  ? 26.111  -0.665  0.688   1.00 48.96 ? 72 HOH A O     1 
HETATM 521 O  O     . HOH D 4 .  ? 18.343  1.438   9.477   1.00 45.27 ? 73 HOH A O     1 
HETATM 522 O  O     . HOH D 4 .  ? 17.565  -3.617  -8.009  1.00 45.27 ? 74 HOH A O     1 
HETATM 523 O  O     . HOH D 4 .  ? 16.198  1.630   11.054  1.00 43.10 ? 75 HOH A O     1 
HETATM 524 O  O     . HOH D 4 .  ? -11.936 -8.473  -0.922  1.00 39.80 ? 76 HOH A O     1 
HETATM 525 O  O     . HOH D 4 .  ? 26.359  0.546   -1.855  1.00 45.28 ? 77 HOH A O     1 
HETATM 526 O  O     . HOH D 4 .  ? 0.966   -8.277  6.019   0.50 48.62 ? 78 HOH A O     1 
# 
